data_1AF6
#
_entry.id   1AF6
#
_cell.length_a   129.660
_cell.length_b   211.510
_cell.length_c   217.910
_cell.angle_alpha   90.00
_cell.angle_beta   90.00
_cell.angle_gamma   90.00
#
_symmetry.space_group_name_H-M   'C 2 2 21'
#
loop_
_entity.id
_entity.type
_entity.pdbx_description
1 polymer MALTOPORIN
2 branched beta-D-fructofuranose-(2-1)-alpha-D-glucopyranose
3 non-polymer 'MAGNESIUM ION'
4 water water
#
_entity_poly.entity_id   1
_entity_poly.type   'polypeptide(L)'
_entity_poly.pdbx_seq_one_letter_code
;VDFHGYARSGIGWTGSGGEQQCFQTTGAQSKYRLGNECETYAELKLGQEVWKEGDKSFYFDTNVAYSVAQQNDWEATDPA
FREANVQGKNLIEWLPGSTIWAGKRFYQRHDVHMIDFYYWDISGPGAGLENIDVGFGKLSLAATRSSEAGGSSSFASNNI
YDYTNETANDVFDVRLAQMEINPGGTLELGVDYGRANLRDNYRLVDGASKDGWLFTAEHTQSVLKGFNKFVVQYATDSMT
SQGKGLSQGSGVAFDNEKFAYNINNNGHMLRILDHGAISMGDNWDMMYVGMYQDINWDNDNGTKWWTVGIRPMYKWTPIM
STVMEIGYDNVESQRTGDKNNQYKITLAQQWQAGDSIWSRPAIRVFATYAKWDEKWGYDYTGNADNNANFGKAVPADFNG
GSFGRGDSDEWTFGAQMEIWW
;
_entity_poly.pdbx_strand_id   A,B,C
#
# COMPACT_ATOMS: atom_id res chain seq x y z
N VAL A 1 0.24 -21.15 4.21
CA VAL A 1 0.70 -19.94 3.47
C VAL A 1 2.23 -19.87 3.53
N ASP A 2 2.88 -19.72 2.40
CA ASP A 2 4.33 -19.54 2.32
C ASP A 2 4.65 -18.04 2.36
N PHE A 3 5.57 -17.66 3.21
CA PHE A 3 5.97 -16.29 3.41
C PHE A 3 7.42 -16.18 2.93
N HIS A 4 7.67 -15.43 1.88
CA HIS A 4 9.01 -15.30 1.31
C HIS A 4 9.25 -13.84 0.90
N GLY A 5 10.50 -13.52 0.55
CA GLY A 5 10.76 -12.18 0.10
C GLY A 5 12.21 -11.79 0.22
N TYR A 6 12.41 -10.48 0.22
CA TYR A 6 13.71 -9.85 0.27
C TYR A 6 13.55 -8.55 1.06
N ALA A 7 14.53 -8.18 1.87
CA ALA A 7 14.49 -6.87 2.54
C ALA A 7 15.88 -6.39 2.94
N ARG A 8 16.03 -5.07 2.96
CA ARG A 8 17.24 -4.43 3.48
C ARG A 8 16.81 -3.15 4.20
N SER A 9 17.47 -2.83 5.28
CA SER A 9 17.11 -1.64 6.06
C SER A 9 18.29 -1.29 6.97
N GLY A 10 18.58 0.00 7.12
CA GLY A 10 19.70 0.34 8.00
C GLY A 10 19.69 1.82 8.39
N ILE A 11 20.81 2.21 8.98
CA ILE A 11 21.02 3.60 9.40
C ILE A 11 22.49 3.94 9.13
N GLY A 12 22.72 5.13 8.55
CA GLY A 12 24.06 5.46 8.10
C GLY A 12 24.31 6.95 8.23
N TRP A 13 25.61 7.27 8.25
CA TRP A 13 26.09 8.63 8.41
C TRP A 13 27.14 8.96 7.35
N THR A 14 27.12 10.21 6.88
CA THR A 14 28.18 10.65 5.97
C THR A 14 29.26 11.34 6.78
N GLY A 15 30.51 11.01 6.54
CA GLY A 15 31.65 11.55 7.28
C GLY A 15 31.66 13.06 7.37
N SER A 16 31.41 13.78 6.28
CA SER A 16 31.37 15.23 6.32
C SER A 16 30.06 15.77 6.83
N GLY A 17 29.11 14.93 7.26
CA GLY A 17 27.86 15.39 7.84
C GLY A 17 26.60 14.87 7.16
N GLY A 18 25.52 14.79 7.95
CA GLY A 18 24.23 14.39 7.44
C GLY A 18 24.13 12.87 7.32
N GLU A 19 23.01 12.42 6.78
CA GLU A 19 22.71 11.00 6.63
C GLU A 19 23.59 10.37 5.56
N GLN A 20 23.69 9.05 5.59
CA GLN A 20 24.44 8.30 4.62
C GLN A 20 24.18 8.77 3.19
N GLN A 21 25.21 8.80 2.36
CA GLN A 21 25.06 9.12 0.94
C GLN A 21 25.59 7.91 0.17
N CYS A 22 25.07 7.69 -1.01
CA CYS A 22 25.44 6.48 -1.77
C CYS A 22 26.09 6.92 -3.08
N PHE A 23 27.05 6.15 -3.52
CA PHE A 23 28.01 6.52 -4.53
C PHE A 23 27.93 5.65 -5.77
N GLN A 24 27.45 6.25 -6.84
CA GLN A 24 27.30 5.63 -8.15
C GLN A 24 27.93 6.53 -9.24
N THR A 25 28.68 5.91 -10.12
CA THR A 25 29.32 6.62 -11.21
C THR A 25 28.31 7.13 -12.23
N THR A 26 28.41 8.41 -12.59
CA THR A 26 27.53 8.93 -13.65
C THR A 26 27.80 8.16 -14.94
N GLY A 27 26.78 7.52 -15.50
CA GLY A 27 26.89 6.72 -16.68
C GLY A 27 26.90 5.23 -16.40
N ALA A 28 27.20 4.81 -15.18
CA ALA A 28 27.14 3.38 -14.84
C ALA A 28 25.70 2.99 -14.51
N GLN A 29 25.29 1.76 -14.79
CA GLN A 29 23.91 1.35 -14.48
C GLN A 29 23.82 0.62 -13.15
N SER A 30 24.85 0.64 -12.31
CA SER A 30 24.87 -0.04 -11.04
C SER A 30 25.92 0.60 -10.13
N LYS A 31 25.99 0.17 -8.90
CA LYS A 31 26.97 0.59 -7.92
C LYS A 31 27.33 -0.63 -7.08
N TYR A 32 28.49 -0.62 -6.45
CA TYR A 32 28.90 -1.69 -5.53
C TYR A 32 28.14 -1.51 -4.23
N ARG A 33 27.25 -2.44 -3.93
CA ARG A 33 26.21 -2.20 -2.93
C ARG A 33 26.64 -2.24 -1.49
N LEU A 34 27.65 -3.04 -1.12
CA LEU A 34 28.00 -3.22 0.27
C LEU A 34 28.29 -1.88 0.93
N GLY A 35 27.54 -1.55 1.98
CA GLY A 35 27.74 -0.27 2.67
C GLY A 35 27.52 0.90 1.72
N ASN A 36 26.61 0.75 0.76
CA ASN A 36 26.38 1.74 -0.27
C ASN A 36 24.94 1.61 -0.78
N GLU A 37 24.04 1.38 0.16
CA GLU A 37 22.61 1.26 -0.10
C GLU A 37 21.85 2.23 0.82
N CYS A 38 21.11 3.16 0.26
CA CYS A 38 20.54 4.28 0.97
C CYS A 38 19.04 4.26 1.13
N GLU A 39 18.40 3.10 1.10
CA GLU A 39 16.95 3.06 1.24
C GLU A 39 16.54 1.73 1.92
N THR A 40 15.37 1.73 2.52
CA THR A 40 14.77 0.50 3.00
C THR A 40 13.94 -0.04 1.83
N TYR A 41 14.26 -1.25 1.41
CA TYR A 41 13.56 -1.88 0.29
C TYR A 41 13.10 -3.26 0.75
N ALA A 42 11.83 -3.60 0.51
CA ALA A 42 11.30 -4.87 0.95
C ALA A 42 10.32 -5.41 -0.07
N GLU A 43 10.35 -6.73 -0.23
CA GLU A 43 9.37 -7.45 -1.02
C GLU A 43 8.72 -8.49 -0.11
N LEU A 44 7.42 -8.41 0.04
CA LEU A 44 6.72 -9.36 0.89
C LEU A 44 5.90 -10.28 -0.01
N LYS A 45 6.28 -11.55 -0.04
CA LYS A 45 5.61 -12.52 -0.88
C LYS A 45 4.78 -13.48 -0.04
N LEU A 46 3.53 -13.65 -0.43
CA LEU A 46 2.64 -14.61 0.19
C LEU A 46 2.17 -15.55 -0.93
N GLY A 47 2.44 -16.82 -0.75
CA GLY A 47 2.07 -17.78 -1.82
C GLY A 47 1.46 -19.01 -1.15
N GLN A 48 0.89 -19.87 -1.98
CA GLN A 48 0.32 -21.11 -1.52
C GLN A 48 0.15 -22.12 -2.65
N GLU A 49 0.44 -23.36 -2.30
CA GLU A 49 0.09 -24.47 -3.20
C GLU A 49 -1.39 -24.76 -3.00
N VAL A 50 -2.24 -24.32 -3.92
CA VAL A 50 -3.67 -24.34 -3.60
C VAL A 50 -4.36 -25.62 -4.03
N TRP A 51 -3.67 -26.45 -4.79
CA TRP A 51 -4.28 -27.71 -5.23
C TRP A 51 -3.18 -28.65 -5.69
N LYS A 52 -3.32 -29.90 -5.26
CA LYS A 52 -2.30 -30.90 -5.58
C LYS A 52 -2.94 -32.28 -5.68
N GLU A 53 -2.73 -32.95 -6.80
CA GLU A 53 -3.20 -34.33 -6.99
C GLU A 53 -2.08 -35.12 -7.65
N GLY A 54 -1.47 -36.00 -6.86
CA GLY A 54 -0.32 -36.75 -7.34
C GLY A 54 0.81 -35.79 -7.71
N ASP A 55 1.20 -35.83 -8.97
CA ASP A 55 2.31 -35.05 -9.51
C ASP A 55 1.86 -33.66 -9.96
N LYS A 56 0.55 -33.47 -10.09
CA LYS A 56 -0.01 -32.25 -10.61
C LYS A 56 -0.28 -31.22 -9.51
N SER A 57 0.09 -29.96 -9.75
CA SER A 57 -0.26 -28.93 -8.78
C SER A 57 -0.47 -27.56 -9.39
N PHE A 58 -1.14 -26.70 -8.64
CA PHE A 58 -1.24 -25.27 -8.94
C PHE A 58 -0.64 -24.49 -7.76
N TYR A 59 0.25 -23.56 -8.06
CA TYR A 59 0.85 -22.70 -7.06
C TYR A 59 0.46 -21.25 -7.36
N PHE A 60 0.02 -20.54 -6.35
CA PHE A 60 -0.34 -19.12 -6.45
C PHE A 60 0.72 -18.29 -5.71
N ASP A 61 1.20 -17.23 -6.32
CA ASP A 61 2.26 -16.42 -5.73
C ASP A 61 2.03 -14.93 -5.91
N THR A 62 2.39 -14.12 -4.93
CA THR A 62 2.22 -12.68 -4.92
C THR A 62 3.52 -12.00 -4.48
N ASN A 63 3.60 -10.70 -4.73
CA ASN A 63 4.74 -9.89 -4.34
C ASN A 63 4.31 -8.41 -4.26
N VAL A 64 4.43 -7.83 -3.09
CA VAL A 64 4.14 -6.43 -2.83
C VAL A 64 5.46 -5.79 -2.38
N ALA A 65 5.95 -4.80 -3.10
CA ALA A 65 7.24 -4.19 -2.79
C ALA A 65 7.09 -2.77 -2.27
N TYR A 66 7.92 -2.43 -1.29
CA TYR A 66 7.97 -1.16 -0.62
C TYR A 66 9.40 -0.57 -0.69
N SER A 67 9.48 0.71 -1.07
CA SER A 67 10.79 1.36 -1.04
C SER A 67 10.63 2.70 -0.29
N VAL A 68 11.26 2.86 0.86
CA VAL A 68 11.11 4.12 1.59
C VAL A 68 12.47 4.69 1.95
N ALA A 69 12.52 5.98 2.27
CA ALA A 69 13.78 6.68 2.45
C ALA A 69 14.48 6.35 3.74
N GLN A 70 13.87 5.61 4.67
CA GLN A 70 14.46 5.27 5.96
C GLN A 70 15.07 6.50 6.62
N GLN A 71 14.26 7.57 6.71
CA GLN A 71 14.72 8.76 7.45
C GLN A 71 13.75 9.03 8.59
N ASN A 72 12.68 8.22 8.68
CA ASN A 72 11.64 8.47 9.68
C ASN A 72 10.89 7.16 9.93
N ASP A 73 10.13 7.16 11.01
CA ASP A 73 9.28 6.05 11.37
C ASP A 73 8.11 5.97 10.39
N TRP A 74 7.18 6.93 10.48
CA TRP A 74 6.02 6.90 9.59
C TRP A 74 6.40 7.31 8.17
N GLU A 75 6.62 6.37 7.26
CA GLU A 75 6.95 6.71 5.89
C GLU A 75 5.89 6.10 4.95
N ALA A 76 4.96 6.94 4.58
CA ALA A 76 3.85 6.58 3.69
C ALA A 76 4.41 6.42 2.30
N THR A 77 3.95 5.43 1.56
CA THR A 77 4.50 5.18 0.22
C THR A 77 3.46 4.50 -0.67
N ASP A 78 3.71 4.39 -1.95
CA ASP A 78 2.91 3.63 -2.89
C ASP A 78 3.60 2.28 -3.14
N PRO A 79 3.05 1.23 -2.57
CA PRO A 79 3.64 -0.08 -2.75
C PRO A 79 3.53 -0.43 -4.23
N ALA A 80 4.48 -1.17 -4.74
CA ALA A 80 4.37 -1.68 -6.12
C ALA A 80 3.82 -3.11 -6.09
N PHE A 81 2.72 -3.34 -6.80
CA PHE A 81 2.14 -4.71 -6.83
C PHE A 81 2.80 -5.45 -8.00
N ARG A 82 3.91 -6.13 -7.72
CA ARG A 82 4.75 -6.66 -8.77
C ARG A 82 4.40 -8.05 -9.25
N GLU A 83 3.94 -8.95 -8.39
CA GLU A 83 3.64 -10.31 -8.80
C GLU A 83 2.26 -10.76 -8.33
N ALA A 84 1.57 -11.46 -9.21
CA ALA A 84 0.32 -12.14 -8.95
C ALA A 84 0.13 -13.15 -10.10
N ASN A 85 0.47 -14.41 -9.84
CA ASN A 85 0.43 -15.37 -10.95
C ASN A 85 0.16 -16.77 -10.44
N VAL A 86 -0.33 -17.62 -11.34
CA VAL A 86 -0.62 -19.01 -11.00
C VAL A 86 0.23 -19.88 -11.93
N GLN A 87 0.88 -20.86 -11.34
CA GLN A 87 1.73 -21.80 -12.06
C GLN A 87 1.12 -23.21 -11.99
N GLY A 88 0.79 -23.77 -13.16
CA GLY A 88 0.18 -25.10 -13.24
C GLY A 88 1.24 -26.11 -13.65
N LYS A 89 1.65 -26.97 -12.72
CA LYS A 89 2.76 -27.88 -13.03
C LYS A 89 2.29 -29.30 -13.32
N ASN A 90 2.85 -29.88 -14.39
CA ASN A 90 2.56 -31.25 -14.79
C ASN A 90 1.13 -31.43 -15.22
N LEU A 91 0.56 -30.45 -15.91
CA LEU A 91 -0.86 -30.55 -16.28
C LEU A 91 -0.98 -31.10 -17.70
N ILE A 92 0.10 -30.98 -18.47
CA ILE A 92 0.06 -31.46 -19.86
C ILE A 92 0.83 -32.77 -19.98
N GLU A 93 0.11 -33.87 -20.12
CA GLU A 93 0.66 -35.22 -20.10
C GLU A 93 1.76 -35.43 -21.13
N TRP A 94 1.62 -34.89 -22.33
CA TRP A 94 2.61 -35.07 -23.37
C TRP A 94 3.83 -34.18 -23.22
N LEU A 95 3.90 -33.35 -22.18
CA LEU A 95 5.05 -32.52 -21.86
C LEU A 95 5.35 -32.59 -20.36
N PRO A 96 5.76 -33.76 -19.88
CA PRO A 96 5.97 -34.01 -18.48
C PRO A 96 6.96 -33.03 -17.86
N GLY A 97 6.68 -32.59 -16.65
CA GLY A 97 7.55 -31.71 -15.90
C GLY A 97 7.40 -30.24 -16.23
N SER A 98 6.65 -29.89 -17.26
CA SER A 98 6.57 -28.52 -17.75
C SER A 98 5.47 -27.73 -17.04
N THR A 99 5.69 -26.42 -16.93
CA THR A 99 4.75 -25.56 -16.21
C THR A 99 4.06 -24.59 -17.15
N ILE A 100 2.76 -24.41 -16.95
CA ILE A 100 2.02 -23.37 -17.64
C ILE A 100 1.69 -22.29 -16.61
N TRP A 101 1.83 -21.04 -17.04
CA TRP A 101 1.61 -19.94 -16.10
C TRP A 101 1.07 -18.71 -16.81
N ALA A 102 0.45 -17.85 -16.02
CA ALA A 102 -0.03 -16.54 -16.42
C ALA A 102 -0.14 -15.62 -15.20
N GLY A 103 0.07 -14.33 -15.41
CA GLY A 103 -0.02 -13.34 -14.36
C GLY A 103 1.30 -12.55 -14.30
N LYS A 104 1.35 -11.59 -13.38
CA LYS A 104 2.59 -10.81 -13.23
C LYS A 104 3.61 -11.69 -12.48
N ARG A 105 4.82 -11.76 -13.02
CA ARG A 105 5.80 -12.69 -12.48
C ARG A 105 7.23 -12.20 -12.67
N PHE A 106 8.07 -12.49 -11.69
CA PHE A 106 9.52 -12.34 -11.80
C PHE A 106 10.02 -13.58 -12.58
N TYR A 107 10.21 -13.47 -13.88
CA TYR A 107 10.45 -14.61 -14.73
C TYR A 107 11.93 -14.89 -14.90
N GLN A 108 12.42 -15.96 -14.28
CA GLN A 108 13.80 -16.40 -14.45
C GLN A 108 14.79 -15.26 -14.62
N ARG A 109 14.95 -14.47 -13.59
CA ARG A 109 15.83 -13.30 -13.62
C ARG A 109 17.28 -13.68 -13.39
N HIS A 110 18.21 -13.03 -14.08
CA HIS A 110 19.63 -13.28 -13.87
C HIS A 110 20.27 -11.97 -13.40
N ASP A 111 20.98 -12.01 -12.30
CA ASP A 111 21.56 -10.82 -11.71
C ASP A 111 22.95 -11.12 -11.16
N VAL A 112 23.68 -10.08 -10.87
CA VAL A 112 24.97 -10.15 -10.18
C VAL A 112 24.72 -9.51 -8.81
N HIS A 113 24.67 -10.31 -7.77
CA HIS A 113 24.31 -9.82 -6.45
C HIS A 113 25.08 -8.59 -6.01
N MET A 114 26.40 -8.59 -6.03
CA MET A 114 27.21 -7.56 -5.41
C MET A 114 27.05 -6.17 -5.99
N ILE A 115 26.59 -6.04 -7.24
CA ILE A 115 26.31 -4.74 -7.82
C ILE A 115 24.82 -4.58 -8.06
N ASP A 116 24.03 -5.50 -7.52
CA ASP A 116 22.58 -5.49 -7.64
C ASP A 116 22.16 -5.20 -9.08
N PHE A 117 22.71 -5.92 -10.04
CA PHE A 117 22.53 -5.64 -11.46
C PHE A 117 21.85 -6.81 -12.15
N TYR A 118 20.67 -6.57 -12.70
CA TYR A 118 19.96 -7.58 -13.47
C TYR A 118 20.35 -7.41 -14.94
N TYR A 119 20.78 -8.51 -15.55
CA TYR A 119 21.30 -8.46 -16.91
C TYR A 119 20.36 -9.21 -17.83
N TRP A 120 19.46 -9.97 -17.23
CA TRP A 120 18.46 -10.68 -18.02
C TRP A 120 17.17 -10.72 -17.19
N ASP A 121 16.27 -9.80 -17.51
CA ASP A 121 15.02 -9.67 -16.75
C ASP A 121 13.90 -9.17 -17.63
N ILE A 122 12.96 -10.06 -17.98
CA ILE A 122 11.81 -9.66 -18.78
C ILE A 122 10.53 -9.65 -17.93
N SER A 123 10.70 -9.58 -16.62
CA SER A 123 9.58 -9.66 -15.71
C SER A 123 8.48 -8.63 -16.02
N GLY A 124 7.25 -9.04 -15.79
CA GLY A 124 6.09 -8.18 -15.89
C GLY A 124 4.87 -9.09 -16.06
N PRO A 125 3.77 -8.47 -16.48
CA PRO A 125 2.58 -9.22 -16.85
C PRO A 125 2.96 -10.18 -17.98
N GLY A 126 2.55 -11.44 -17.91
CA GLY A 126 2.93 -12.36 -18.97
C GLY A 126 2.23 -13.71 -18.88
N ALA A 127 2.71 -14.62 -19.71
CA ALA A 127 2.27 -16.00 -19.74
C ALA A 127 3.32 -16.83 -20.49
N GLY A 128 3.29 -18.15 -20.28
CA GLY A 128 4.28 -18.98 -20.97
C GLY A 128 4.11 -20.46 -20.64
N LEU A 129 5.01 -21.22 -21.22
CA LEU A 129 5.12 -22.67 -21.08
C LEU A 129 6.60 -22.94 -20.83
N GLU A 130 6.86 -23.38 -19.61
CA GLU A 130 8.19 -23.44 -19.04
C GLU A 130 8.68 -24.87 -18.90
N ASN A 131 9.99 -25.01 -18.96
CA ASN A 131 10.66 -26.27 -18.71
C ASN A 131 10.17 -27.44 -19.54
N ILE A 132 10.10 -27.29 -20.86
CA ILE A 132 9.77 -28.42 -21.71
C ILE A 132 11.02 -29.30 -21.84
N ASP A 133 10.90 -30.55 -21.42
CA ASP A 133 12.04 -31.48 -21.51
C ASP A 133 12.29 -31.83 -22.98
N VAL A 134 13.44 -31.43 -23.47
CA VAL A 134 13.71 -31.60 -24.92
C VAL A 134 14.86 -32.56 -25.11
N GLY A 135 15.16 -33.33 -24.06
CA GLY A 135 16.16 -34.37 -24.06
C GLY A 135 17.54 -33.89 -23.65
N PHE A 136 18.14 -33.02 -24.46
CA PHE A 136 19.47 -32.50 -24.17
C PHE A 136 19.40 -31.15 -23.45
N GLY A 137 18.22 -30.76 -22.98
CA GLY A 137 18.04 -29.53 -22.25
C GLY A 137 16.59 -29.18 -21.98
N LYS A 138 16.40 -28.02 -21.34
CA LYS A 138 15.08 -27.51 -21.01
C LYS A 138 14.75 -26.27 -21.84
N LEU A 139 13.60 -26.31 -22.49
CA LEU A 139 13.11 -25.25 -23.34
C LEU A 139 11.99 -24.49 -22.62
N SER A 140 12.05 -23.17 -22.69
CA SER A 140 11.00 -22.34 -22.11
C SER A 140 10.61 -21.24 -23.09
N LEU A 141 9.31 -21.01 -23.23
CA LEU A 141 8.71 -19.99 -24.05
C LEU A 141 7.88 -19.04 -23.17
N ALA A 142 7.98 -17.74 -23.42
CA ALA A 142 7.22 -16.77 -22.66
C ALA A 142 6.97 -15.48 -23.45
N ALA A 143 5.87 -14.83 -23.09
CA ALA A 143 5.58 -13.50 -23.66
C ALA A 143 5.26 -12.58 -22.47
N THR A 144 5.93 -11.44 -22.37
CA THR A 144 5.67 -10.50 -21.29
C THR A 144 5.44 -9.09 -21.87
N ARG A 145 4.89 -8.21 -21.07
CA ARG A 145 4.52 -6.86 -21.50
C ARG A 145 5.21 -5.79 -20.66
N SER A 146 5.56 -4.69 -21.31
CA SER A 146 6.02 -3.47 -20.70
C SER A 146 5.39 -2.31 -21.47
N SER A 147 5.48 -1.10 -20.92
CA SER A 147 4.87 0.03 -21.64
C SER A 147 5.69 1.29 -21.41
N GLU A 148 5.90 2.06 -22.46
CA GLU A 148 6.58 3.35 -22.28
C GLU A 148 5.51 4.38 -21.91
N ALA A 149 5.89 5.38 -21.14
CA ALA A 149 4.93 6.37 -20.66
C ALA A 149 4.30 7.18 -21.78
N GLY A 150 4.99 7.41 -22.88
CA GLY A 150 4.38 8.12 -24.03
C GLY A 150 4.93 7.52 -25.32
N GLY A 151 5.14 8.31 -26.37
CA GLY A 151 5.80 7.83 -27.58
C GLY A 151 4.90 7.66 -28.79
N SER A 152 3.60 7.61 -28.59
CA SER A 152 2.65 7.37 -29.68
C SER A 152 1.76 8.60 -29.92
N SER A 153 1.51 8.88 -31.19
CA SER A 153 0.54 9.89 -31.57
C SER A 153 -0.67 9.26 -32.25
N SER A 154 -1.85 9.80 -32.02
CA SER A 154 -3.07 9.35 -32.67
C SER A 154 -3.23 9.92 -34.07
N PHE A 155 -2.44 10.92 -34.43
CA PHE A 155 -2.52 11.51 -35.77
C PHE A 155 -1.14 11.74 -36.36
N ALA A 156 -1.07 11.86 -37.67
CA ALA A 156 0.21 12.18 -38.33
C ALA A 156 0.70 13.54 -37.82
N SER A 157 1.97 13.60 -37.44
CA SER A 157 2.53 14.83 -36.89
C SER A 157 4.05 14.81 -36.97
N ASN A 158 4.63 15.99 -37.14
CA ASN A 158 6.09 16.13 -37.17
C ASN A 158 6.55 16.74 -35.84
N ASN A 159 5.57 17.10 -35.02
CA ASN A 159 5.85 17.67 -33.71
C ASN A 159 5.94 16.55 -32.66
N ILE A 160 7.10 16.40 -32.05
CA ILE A 160 7.36 15.39 -31.05
C ILE A 160 6.52 15.55 -29.79
N TYR A 161 5.96 16.72 -29.54
CA TYR A 161 5.10 16.98 -28.40
C TYR A 161 3.73 16.33 -28.53
N ASP A 162 3.41 15.79 -29.70
CA ASP A 162 2.15 15.09 -29.90
C ASP A 162 2.22 13.62 -29.53
N TYR A 163 3.42 13.09 -29.35
CA TYR A 163 3.64 11.68 -29.09
C TYR A 163 3.59 11.32 -27.62
N THR A 164 2.40 11.47 -27.02
CA THR A 164 2.26 11.39 -25.57
C THR A 164 1.41 10.22 -25.12
N ASN A 165 0.89 9.41 -26.05
CA ASN A 165 0.10 8.24 -25.72
C ASN A 165 1.02 7.05 -25.40
N GLU A 166 0.75 6.39 -24.29
CA GLU A 166 1.51 5.24 -23.82
C GLU A 166 1.69 4.22 -24.94
N THR A 167 2.87 3.60 -25.03
CA THR A 167 3.04 2.59 -26.06
C THR A 167 3.48 1.26 -25.47
N ALA A 168 2.57 0.29 -25.61
CA ALA A 168 2.81 -1.07 -25.18
C ALA A 168 4.00 -1.65 -25.95
N ASN A 169 4.87 -2.36 -25.25
CA ASN A 169 5.96 -3.09 -25.93
C ASN A 169 5.81 -4.57 -25.55
N ASP A 170 5.87 -5.45 -26.54
CA ASP A 170 5.81 -6.89 -26.29
C ASP A 170 7.20 -7.50 -26.40
N VAL A 171 7.47 -8.52 -25.58
CA VAL A 171 8.70 -9.29 -25.69
C VAL A 171 8.36 -10.78 -25.84
N PHE A 172 8.98 -11.42 -26.82
CA PHE A 172 8.79 -12.87 -27.03
C PHE A 172 10.12 -13.55 -26.76
N ASP A 173 10.08 -14.46 -25.80
CA ASP A 173 11.32 -14.99 -25.21
C ASP A 173 11.40 -16.50 -25.33
N VAL A 174 12.53 -16.99 -25.83
CA VAL A 174 12.76 -18.42 -25.99
C VAL A 174 14.12 -18.74 -25.38
N ARG A 175 14.14 -19.68 -24.46
CA ARG A 175 15.39 -20.05 -23.79
C ARG A 175 15.58 -21.56 -23.83
N LEU A 176 16.82 -21.96 -23.96
CA LEU A 176 17.20 -23.38 -23.96
C LEU A 176 18.36 -23.55 -22.99
N ALA A 177 18.07 -24.20 -21.87
CA ALA A 177 18.97 -24.24 -20.74
C ALA A 177 19.37 -25.66 -20.35
N GLN A 178 20.33 -25.75 -19.46
CA GLN A 178 20.76 -27.00 -18.86
C GLN A 178 21.43 -27.95 -19.85
N MET A 179 22.05 -27.42 -20.89
CA MET A 179 22.82 -28.23 -21.82
C MET A 179 24.20 -28.54 -21.22
N GLU A 180 24.43 -29.81 -20.88
CA GLU A 180 25.72 -30.22 -20.34
C GLU A 180 26.74 -30.27 -21.47
N ILE A 181 27.69 -29.36 -21.41
CA ILE A 181 28.61 -29.09 -22.52
C ILE A 181 30.04 -29.44 -22.13
N ASN A 182 30.24 -29.68 -20.85
CA ASN A 182 31.55 -29.95 -20.26
C ASN A 182 31.35 -30.26 -18.78
N PRO A 183 32.28 -31.03 -18.22
CA PRO A 183 32.14 -31.51 -16.85
C PRO A 183 31.97 -30.36 -15.86
N GLY A 184 30.85 -30.37 -15.15
CA GLY A 184 30.50 -29.34 -14.19
C GLY A 184 30.06 -28.03 -14.84
N GLY A 185 29.76 -28.05 -16.12
CA GLY A 185 29.50 -26.85 -16.89
C GLY A 185 28.20 -26.93 -17.67
N THR A 186 27.33 -25.93 -17.48
CA THR A 186 26.10 -25.87 -18.24
C THR A 186 26.06 -24.63 -19.12
N LEU A 187 25.28 -24.72 -20.19
CA LEU A 187 25.12 -23.62 -21.12
C LEU A 187 23.62 -23.31 -21.26
N GLU A 188 23.34 -22.01 -21.29
CA GLU A 188 21.97 -21.55 -21.52
C GLU A 188 22.03 -20.54 -22.67
N LEU A 189 21.09 -20.66 -23.58
CA LEU A 189 21.00 -19.76 -24.72
C LEU A 189 19.60 -19.12 -24.71
N GLY A 190 19.53 -17.83 -24.98
CA GLY A 190 18.22 -17.19 -25.09
C GLY A 190 18.18 -16.18 -26.23
N VAL A 191 16.98 -16.01 -26.77
CA VAL A 191 16.65 -15.04 -27.79
C VAL A 191 15.41 -14.25 -27.35
N ASP A 192 15.50 -12.93 -27.39
CA ASP A 192 14.34 -12.10 -27.12
C ASP A 192 14.08 -11.21 -28.35
N TYR A 193 12.85 -11.21 -28.80
CA TYR A 193 12.40 -10.26 -29.81
C TYR A 193 11.38 -9.33 -29.16
N GLY A 194 11.68 -8.03 -29.14
CA GLY A 194 10.75 -7.06 -28.56
C GLY A 194 10.35 -6.01 -29.59
N ARG A 195 9.11 -5.55 -29.54
CA ARG A 195 8.60 -4.56 -30.46
C ARG A 195 7.53 -3.67 -29.84
N ALA A 196 7.51 -2.41 -30.27
CA ALA A 196 6.41 -1.52 -29.89
C ALA A 196 5.15 -2.06 -30.58
N ASN A 197 4.03 -2.05 -29.90
CA ASN A 197 2.80 -2.63 -30.43
C ASN A 197 1.73 -1.54 -30.41
N LEU A 198 1.61 -0.85 -31.51
CA LEU A 198 0.78 0.31 -31.67
C LEU A 198 -0.69 0.04 -31.75
N ARG A 199 -1.49 0.93 -31.14
CA ARG A 199 -2.93 0.88 -31.37
C ARG A 199 -3.21 1.21 -32.85
N ASP A 200 -4.36 0.76 -33.31
CA ASP A 200 -4.85 1.05 -34.65
C ASP A 200 -4.74 2.55 -34.95
N ASN A 201 -4.09 2.91 -36.05
CA ASN A 201 -3.95 4.29 -36.47
C ASN A 201 -3.03 5.14 -35.62
N TYR A 202 -2.27 4.58 -34.69
CA TYR A 202 -1.32 5.40 -33.93
C TYR A 202 0.03 5.30 -34.61
N ARG A 203 0.94 6.19 -34.26
CA ARG A 203 2.23 6.19 -34.95
C ARG A 203 3.37 6.48 -33.97
N LEU A 204 4.55 6.03 -34.34
CA LEU A 204 5.78 6.40 -33.69
C LEU A 204 6.42 7.54 -34.48
N VAL A 205 7.28 8.28 -33.82
CA VAL A 205 8.02 9.39 -34.44
C VAL A 205 8.85 8.84 -35.59
N ASP A 206 9.08 9.65 -36.63
CA ASP A 206 9.92 9.20 -37.76
C ASP A 206 11.27 8.74 -37.24
N GLY A 207 11.76 7.60 -37.70
CA GLY A 207 13.06 7.12 -37.29
C GLY A 207 13.03 6.27 -36.03
N ALA A 208 11.89 6.10 -35.36
CA ALA A 208 11.85 5.31 -34.12
C ALA A 208 12.39 3.91 -34.35
N SER A 209 13.11 3.38 -33.37
CA SER A 209 13.64 2.02 -33.44
C SER A 209 12.53 1.02 -33.65
N LYS A 210 11.45 1.13 -32.88
CA LYS A 210 10.30 0.25 -33.05
C LYS A 210 10.49 -1.15 -32.51
N ASP A 211 11.52 -1.87 -32.93
CA ASP A 211 11.72 -3.23 -32.45
C ASP A 211 13.21 -3.54 -32.35
N GLY A 212 13.54 -4.75 -31.94
CA GLY A 212 14.95 -5.05 -31.65
C GLY A 212 15.03 -6.46 -31.09
N TRP A 213 16.25 -6.93 -30.91
CA TRP A 213 16.54 -8.28 -30.47
C TRP A 213 17.55 -8.24 -29.32
N LEU A 214 17.50 -9.28 -28.49
CA LEU A 214 18.54 -9.46 -27.47
C LEU A 214 18.95 -10.94 -27.50
N PHE A 215 20.24 -11.19 -27.63
CA PHE A 215 20.71 -12.57 -27.71
C PHE A 215 21.58 -12.81 -26.47
N THR A 216 21.32 -13.90 -25.79
CA THR A 216 22.06 -14.18 -24.55
C THR A 216 22.74 -15.53 -24.59
N ALA A 217 23.94 -15.60 -24.03
CA ALA A 217 24.60 -16.89 -23.84
C ALA A 217 25.22 -16.90 -22.45
N GLU A 218 24.86 -17.89 -21.64
CA GLU A 218 25.39 -17.94 -20.28
C GLU A 218 25.97 -19.33 -20.01
N HIS A 219 27.23 -19.34 -19.63
CA HIS A 219 27.88 -20.60 -19.27
C HIS A 219 28.07 -20.63 -17.76
N THR A 220 27.63 -21.71 -17.14
CA THR A 220 27.76 -21.83 -15.67
C THR A 220 28.70 -22.98 -15.34
N GLN A 221 29.74 -22.70 -14.59
CA GLN A 221 30.75 -23.67 -14.22
C GLN A 221 30.83 -23.89 -12.70
N SER A 222 30.64 -25.13 -12.28
CA SER A 222 30.84 -25.49 -10.88
C SER A 222 32.34 -25.55 -10.59
N VAL A 223 32.81 -24.70 -9.70
CA VAL A 223 34.18 -24.51 -9.34
C VAL A 223 34.29 -24.19 -7.83
N LEU A 224 35.34 -24.65 -7.20
CA LEU A 224 35.70 -24.32 -5.84
C LEU A 224 34.55 -24.15 -4.88
N LYS A 225 33.65 -25.13 -4.82
CA LYS A 225 32.48 -25.10 -3.96
C LYS A 225 31.48 -24.00 -4.30
N GLY A 226 31.63 -23.33 -5.42
CA GLY A 226 30.72 -22.28 -5.83
C GLY A 226 30.49 -22.35 -7.33
N PHE A 227 30.56 -21.19 -7.98
CA PHE A 227 30.30 -21.17 -9.41
C PHE A 227 30.95 -19.96 -10.06
N ASN A 228 31.02 -20.04 -11.37
CA ASN A 228 31.47 -18.98 -12.23
C ASN A 228 30.43 -18.89 -13.36
N LYS A 229 30.03 -17.69 -13.68
CA LYS A 229 29.09 -17.49 -14.79
C LYS A 229 29.79 -16.55 -15.79
N PHE A 230 29.80 -16.99 -17.02
CA PHE A 230 30.41 -16.24 -18.10
C PHE A 230 29.29 -15.92 -19.10
N VAL A 231 29.08 -14.64 -19.34
CA VAL A 231 27.89 -14.18 -20.05
C VAL A 231 28.31 -13.27 -21.19
N VAL A 232 27.65 -13.43 -22.31
CA VAL A 232 27.80 -12.61 -23.48
C VAL A 232 26.38 -12.30 -23.97
N GLN A 233 26.10 -11.02 -24.16
CA GLN A 233 24.80 -10.60 -24.67
C GLN A 233 25.03 -9.56 -25.75
N TYR A 234 24.11 -9.56 -26.70
CA TYR A 234 24.16 -8.62 -27.81
C TYR A 234 22.73 -8.16 -28.06
N ALA A 235 22.53 -6.85 -28.03
CA ALA A 235 21.19 -6.31 -28.23
C ALA A 235 21.25 -5.28 -29.36
N THR A 236 20.09 -5.05 -29.89
CA THR A 236 19.87 -4.24 -31.09
C THR A 236 18.73 -3.27 -30.85
N ASP A 237 18.89 -2.03 -31.29
CA ASP A 237 17.87 -1.03 -31.31
C ASP A 237 17.00 -0.92 -30.09
N SER A 238 15.70 -1.27 -30.18
CA SER A 238 14.76 -1.04 -29.11
C SER A 238 15.13 -1.73 -27.81
N MET A 239 15.98 -2.72 -27.79
CA MET A 239 16.39 -3.49 -26.65
C MET A 239 17.62 -2.97 -25.96
N THR A 240 18.20 -1.88 -26.46
CA THR A 240 19.44 -1.37 -25.90
C THR A 240 19.24 -0.41 -24.73
N SER A 241 18.12 0.30 -24.66
CA SER A 241 18.03 1.35 -23.62
C SER A 241 17.76 0.73 -22.26
N GLN A 242 16.79 -0.19 -22.17
CA GLN A 242 16.62 -0.91 -20.89
C GLN A 242 17.73 -1.93 -20.71
N GLY A 243 18.02 -2.71 -21.75
CA GLY A 243 19.17 -3.56 -21.80
C GLY A 243 19.11 -4.89 -21.09
N LYS A 244 17.92 -5.32 -20.66
CA LYS A 244 17.80 -6.54 -19.87
C LYS A 244 16.74 -7.45 -20.46
N GLY A 245 16.15 -7.04 -21.58
CA GLY A 245 15.19 -7.93 -22.24
C GLY A 245 13.86 -7.25 -22.51
N LEU A 246 13.70 -6.01 -22.02
CA LEU A 246 12.46 -5.28 -22.35
C LEU A 246 12.71 -4.31 -23.49
N SER A 247 11.70 -4.12 -24.33
CA SER A 247 11.84 -3.24 -25.49
C SER A 247 11.32 -1.85 -25.18
N GLN A 248 11.93 -0.84 -25.79
CA GLN A 248 11.47 0.54 -25.72
C GLN A 248 11.51 1.15 -27.11
N GLY A 249 10.56 0.74 -27.95
CA GLY A 249 10.54 1.06 -29.36
C GLY A 249 10.19 2.49 -29.73
N SER A 250 9.55 3.26 -28.86
CA SER A 250 9.07 4.59 -29.20
C SER A 250 10.22 5.59 -29.32
N GLY A 251 11.24 5.47 -28.48
CA GLY A 251 12.36 6.38 -28.48
C GLY A 251 12.03 7.77 -27.96
N VAL A 252 10.94 7.93 -27.23
CA VAL A 252 10.49 9.18 -26.66
C VAL A 252 10.56 9.17 -25.13
N ALA A 253 11.06 10.25 -24.57
CA ALA A 253 11.13 10.46 -23.13
C ALA A 253 10.53 11.82 -22.79
N PHE A 254 10.25 12.03 -21.51
CA PHE A 254 9.61 13.25 -21.03
C PHE A 254 10.41 13.91 -19.93
N ASP A 255 10.53 15.24 -19.95
CA ASP A 255 11.20 15.90 -18.83
C ASP A 255 10.22 16.03 -17.67
N ASN A 256 10.54 16.81 -16.66
CA ASN A 256 9.67 16.98 -15.50
C ASN A 256 8.45 17.83 -15.81
N GLU A 257 8.51 18.68 -16.82
CA GLU A 257 7.39 19.50 -17.24
C GLU A 257 6.55 18.83 -18.31
N LYS A 258 6.82 17.55 -18.58
CA LYS A 258 6.07 16.76 -19.54
C LYS A 258 6.34 17.13 -20.99
N PHE A 259 7.47 17.77 -21.27
CA PHE A 259 7.88 18.01 -22.64
C PHE A 259 8.57 16.74 -23.17
N ALA A 260 8.19 16.31 -24.36
CA ALA A 260 8.75 15.14 -24.98
C ALA A 260 10.08 15.48 -25.66
N TYR A 261 11.03 14.56 -25.59
CA TYR A 261 12.28 14.69 -26.32
C TYR A 261 12.73 13.32 -26.82
N ASN A 262 13.54 13.34 -27.86
CA ASN A 262 13.93 12.15 -28.61
C ASN A 262 15.13 11.45 -28.01
N ILE A 263 14.97 10.18 -27.65
CA ILE A 263 16.09 9.37 -27.16
C ILE A 263 16.24 8.14 -28.04
N ASN A 264 16.20 8.33 -29.36
CA ASN A 264 16.29 7.22 -30.30
C ASN A 264 17.36 6.23 -29.85
N ASN A 265 16.99 4.95 -29.83
CA ASN A 265 17.92 3.94 -29.33
C ASN A 265 18.40 3.02 -30.43
N ASN A 266 18.36 3.49 -31.68
CA ASN A 266 18.92 2.74 -32.80
C ASN A 266 20.40 2.54 -32.57
N GLY A 267 20.86 1.29 -32.75
CA GLY A 267 22.30 1.04 -32.55
C GLY A 267 22.40 -0.34 -31.90
N HIS A 268 23.41 -0.58 -31.10
CA HIS A 268 23.55 -1.91 -30.53
C HIS A 268 24.24 -1.84 -29.17
N MET A 269 24.11 -2.94 -28.44
CA MET A 269 24.81 -3.06 -27.16
C MET A 269 25.54 -4.41 -27.16
N LEU A 270 26.76 -4.39 -26.69
CA LEU A 270 27.51 -5.61 -26.47
C LEU A 270 27.83 -5.70 -24.98
N ARG A 271 27.45 -6.78 -24.34
CA ARG A 271 27.77 -6.92 -22.91
C ARG A 271 28.54 -8.22 -22.70
N ILE A 272 29.72 -8.10 -22.12
CA ILE A 272 30.52 -9.29 -21.81
C ILE A 272 30.76 -9.27 -20.29
N LEU A 273 30.34 -10.34 -19.64
CA LEU A 273 30.23 -10.35 -18.18
C LEU A 273 30.73 -11.68 -17.62
N ASP A 274 31.49 -11.59 -16.54
CA ASP A 274 31.87 -12.79 -15.81
C ASP A 274 31.73 -12.51 -14.32
N HIS A 275 31.03 -13.40 -13.63
CA HIS A 275 30.87 -13.21 -12.17
C HIS A 275 30.76 -14.58 -11.52
N GLY A 276 31.02 -14.64 -10.23
CA GLY A 276 30.82 -15.89 -9.51
C GLY A 276 31.02 -15.71 -8.01
N ALA A 277 31.14 -16.84 -7.34
CA ALA A 277 31.33 -16.82 -5.89
C ALA A 277 31.99 -18.15 -5.54
N ILE A 278 33.17 -18.06 -4.92
CA ILE A 278 33.97 -19.28 -4.69
C ILE A 278 34.44 -19.34 -3.26
N SER A 279 34.78 -20.55 -2.82
CA SER A 279 35.33 -20.76 -1.49
C SER A 279 36.80 -21.18 -1.58
N MET A 280 37.61 -20.67 -0.68
CA MET A 280 39.04 -20.99 -0.62
C MET A 280 39.33 -21.54 0.78
N GLY A 281 39.11 -22.83 0.97
CA GLY A 281 39.32 -23.43 2.30
C GLY A 281 38.00 -23.41 3.09
N ASP A 282 38.09 -23.19 4.39
CA ASP A 282 36.94 -23.13 5.27
C ASP A 282 36.77 -21.72 5.85
N ASN A 283 37.74 -20.85 5.64
CA ASN A 283 37.72 -19.51 6.19
C ASN A 283 37.43 -18.39 5.20
N TRP A 284 37.52 -18.65 3.90
CA TRP A 284 37.41 -17.60 2.92
C TRP A 284 36.32 -17.89 1.87
N ASP A 285 35.46 -16.92 1.65
CA ASP A 285 34.56 -16.91 0.50
C ASP A 285 34.85 -15.62 -0.27
N MET A 286 34.54 -15.61 -1.55
CA MET A 286 34.69 -14.39 -2.32
C MET A 286 33.66 -14.35 -3.45
N MET A 287 33.08 -13.18 -3.62
CA MET A 287 32.27 -12.86 -4.79
C MET A 287 33.13 -11.96 -5.68
N TYR A 288 32.89 -12.00 -6.98
CA TYR A 288 33.66 -11.14 -7.88
C TYR A 288 32.83 -10.88 -9.14
N VAL A 289 33.07 -9.76 -9.79
CA VAL A 289 32.49 -9.40 -11.04
C VAL A 289 33.61 -8.74 -11.92
N GLY A 290 33.37 -8.89 -13.21
CA GLY A 290 34.08 -8.06 -14.20
C GLY A 290 33.13 -8.00 -15.40
N MET A 291 32.93 -6.80 -15.92
CA MET A 291 31.99 -6.61 -17.02
C MET A 291 32.49 -5.47 -17.91
N TYR A 292 32.26 -5.66 -19.19
CA TYR A 292 32.46 -4.63 -20.19
C TYR A 292 31.13 -4.45 -20.91
N GLN A 293 30.62 -3.22 -20.96
CA GLN A 293 29.33 -3.01 -21.61
C GLN A 293 29.44 -1.82 -22.55
N ASP A 294 29.17 -2.06 -23.83
CA ASP A 294 29.29 -1.00 -24.82
C ASP A 294 27.93 -0.70 -25.45
N ILE A 295 27.43 0.51 -25.19
CA ILE A 295 26.15 0.88 -25.80
C ILE A 295 26.46 1.93 -26.86
N ASN A 296 26.32 1.52 -28.11
CA ASN A 296 26.69 2.33 -29.27
C ASN A 296 25.44 2.75 -30.03
N TRP A 297 25.09 4.03 -29.89
CA TRP A 297 23.84 4.50 -30.51
C TRP A 297 24.17 5.30 -31.76
N ASP A 298 23.22 5.36 -32.69
CA ASP A 298 23.37 6.16 -33.90
C ASP A 298 23.45 7.64 -33.59
N ASN A 299 22.79 8.10 -32.51
CA ASN A 299 22.85 9.52 -32.15
C ASN A 299 24.11 9.86 -31.38
N ASP A 300 24.99 8.89 -31.09
CA ASP A 300 26.22 9.22 -30.40
C ASP A 300 26.13 9.50 -28.92
N ASN A 301 25.01 9.21 -28.27
CA ASN A 301 24.92 9.54 -26.84
C ASN A 301 25.01 8.31 -25.97
N GLY A 302 25.66 7.26 -26.49
CA GLY A 302 25.79 5.99 -25.77
C GLY A 302 26.91 6.07 -24.75
N THR A 303 27.33 4.92 -24.24
CA THR A 303 28.33 4.84 -23.20
C THR A 303 29.13 3.54 -23.37
N LYS A 304 30.32 3.58 -22.79
CA LYS A 304 31.21 2.41 -22.81
C LYS A 304 31.67 2.21 -21.37
N TRP A 305 31.22 1.13 -20.74
CA TRP A 305 31.38 1.01 -19.28
C TRP A 305 32.14 -0.25 -18.93
N TRP A 306 33.19 -0.07 -18.14
CA TRP A 306 33.95 -1.18 -17.58
C TRP A 306 33.68 -1.19 -16.06
N THR A 307 33.49 -2.35 -15.47
CA THR A 307 33.43 -2.50 -14.04
C THR A 307 34.27 -3.75 -13.64
N VAL A 308 34.80 -3.69 -12.43
CA VAL A 308 35.38 -4.84 -11.78
C VAL A 308 35.30 -4.66 -10.26
N GLY A 309 35.05 -5.76 -9.57
CA GLY A 309 35.11 -5.66 -8.10
C GLY A 309 35.20 -7.05 -7.48
N ILE A 310 35.61 -7.06 -6.22
CA ILE A 310 35.71 -8.30 -5.47
C ILE A 310 35.13 -8.06 -4.06
N ARG A 311 34.64 -9.15 -3.50
CA ARG A 311 34.09 -9.11 -2.14
C ARG A 311 34.52 -10.37 -1.37
N PRO A 312 35.72 -10.33 -0.82
CA PRO A 312 36.23 -11.40 0.02
C PRO A 312 35.55 -11.39 1.38
N MET A 313 35.38 -12.57 1.96
CA MET A 313 34.78 -12.72 3.27
C MET A 313 35.64 -13.67 4.12
N TYR A 314 36.09 -13.18 5.27
CA TYR A 314 36.85 -13.96 6.21
C TYR A 314 36.00 -14.43 7.40
N LYS A 315 35.82 -15.73 7.53
CA LYS A 315 34.99 -16.30 8.58
C LYS A 315 35.79 -16.56 9.86
N TRP A 316 35.68 -15.70 10.84
CA TRP A 316 36.30 -15.90 12.14
C TRP A 316 35.64 -17.08 12.87
N THR A 317 34.35 -17.19 12.61
CA THR A 317 33.43 -18.07 13.36
C THR A 317 32.37 -18.48 12.38
N PRO A 318 31.56 -19.46 12.68
CA PRO A 318 30.49 -19.89 11.79
C PRO A 318 29.46 -18.80 11.56
N ILE A 319 29.26 -17.87 12.48
CA ILE A 319 28.30 -16.80 12.30
C ILE A 319 28.89 -15.41 12.23
N MET A 320 30.19 -15.24 12.49
CA MET A 320 30.78 -13.90 12.50
C MET A 320 31.90 -13.79 11.47
N SER A 321 31.83 -12.70 10.69
CA SER A 321 32.82 -12.58 9.62
C SER A 321 33.21 -11.13 9.39
N THR A 322 34.32 -11.00 8.66
CA THR A 322 34.79 -9.70 8.23
C THR A 322 34.67 -9.68 6.70
N VAL A 323 33.91 -8.73 6.21
CA VAL A 323 33.66 -8.65 4.77
C VAL A 323 34.23 -7.34 4.23
N MET A 324 34.84 -7.43 3.07
CA MET A 324 35.40 -6.25 2.43
C MET A 324 34.89 -6.24 0.98
N GLU A 325 34.60 -5.04 0.47
CA GLU A 325 34.24 -4.95 -0.94
C GLU A 325 35.03 -3.82 -1.60
N ILE A 326 35.62 -4.15 -2.75
CA ILE A 326 36.37 -3.18 -3.54
C ILE A 326 35.80 -3.15 -4.96
N GLY A 327 35.37 -1.99 -5.40
CA GLY A 327 34.72 -1.89 -6.70
C GLY A 327 35.20 -0.69 -7.50
N TYR A 328 35.39 -0.92 -8.80
CA TYR A 328 35.87 0.11 -9.69
C TYR A 328 34.98 0.28 -10.91
N ASP A 329 34.60 1.51 -11.22
CA ASP A 329 33.81 1.81 -12.39
C ASP A 329 34.58 2.80 -13.29
N ASN A 330 34.44 2.62 -14.59
CA ASN A 330 34.99 3.53 -15.57
C ASN A 330 34.01 3.66 -16.73
N VAL A 331 33.49 4.86 -16.93
CA VAL A 331 32.50 5.06 -17.98
C VAL A 331 32.96 6.16 -18.94
N GLU A 332 32.92 5.83 -20.21
CA GLU A 332 33.29 6.78 -21.26
C GLU A 332 32.06 7.23 -22.01
N SER A 333 31.89 8.53 -22.17
CA SER A 333 30.79 9.03 -22.99
C SER A 333 31.09 8.78 -24.46
N GLN A 334 30.16 8.25 -25.22
CA GLN A 334 30.34 8.09 -26.65
C GLN A 334 30.42 9.47 -27.31
N ARG A 335 29.64 10.40 -26.79
CA ARG A 335 29.51 11.71 -27.40
C ARG A 335 30.76 12.58 -27.29
N THR A 336 31.39 12.65 -26.13
CA THR A 336 32.45 13.58 -25.88
C THR A 336 33.81 12.88 -25.77
N GLY A 337 33.81 11.60 -25.46
CA GLY A 337 35.06 10.88 -25.25
C GLY A 337 35.62 11.07 -23.87
N ASP A 338 34.91 11.82 -23.00
CA ASP A 338 35.34 11.95 -21.63
C ASP A 338 35.15 10.63 -20.87
N LYS A 339 35.79 10.56 -19.72
CA LYS A 339 35.71 9.40 -18.85
C LYS A 339 35.32 9.79 -17.42
N ASN A 340 34.50 8.95 -16.82
CA ASN A 340 34.10 9.10 -15.43
C ASN A 340 34.60 7.84 -14.70
N ASN A 341 35.26 8.03 -13.57
CA ASN A 341 35.68 6.82 -12.86
C ASN A 341 35.45 6.99 -11.37
N GLN A 342 35.38 5.86 -10.69
CA GLN A 342 35.24 5.80 -9.25
C GLN A 342 35.78 4.48 -8.71
N TYR A 343 36.38 4.55 -7.53
CA TYR A 343 36.69 3.31 -6.82
C TYR A 343 36.08 3.43 -5.42
N LYS A 344 35.48 2.32 -4.99
CA LYS A 344 34.80 2.30 -3.70
C LYS A 344 35.36 1.18 -2.84
N ILE A 345 35.64 1.50 -1.58
CA ILE A 345 36.19 0.51 -0.67
C ILE A 345 35.31 0.45 0.59
N THR A 346 34.88 -0.74 0.93
CA THR A 346 34.06 -0.96 2.10
C THR A 346 34.64 -2.06 2.99
N LEU A 347 34.62 -1.80 4.27
CA LEU A 347 35.00 -2.72 5.32
C LEU A 347 33.78 -2.96 6.24
N ALA A 348 33.41 -4.21 6.45
CA ALA A 348 32.29 -4.51 7.32
C ALA A 348 32.59 -5.67 8.27
N GLN A 349 32.10 -5.52 9.50
CA GLN A 349 31.99 -6.61 10.43
C GLN A 349 30.55 -7.14 10.38
N GLN A 350 30.42 -8.46 10.25
CA GLN A 350 29.11 -9.03 10.01
C GLN A 350 28.77 -10.24 10.85
N TRP A 351 27.50 -10.32 11.25
CA TRP A 351 26.92 -11.50 11.88
C TRP A 351 25.87 -12.07 10.93
N GLN A 352 26.00 -13.32 10.53
CA GLN A 352 25.04 -13.88 9.57
C GLN A 352 24.60 -15.28 9.93
N ALA A 353 23.47 -15.70 9.36
CA ALA A 353 22.84 -16.97 9.70
C ALA A 353 23.40 -18.10 8.86
N GLY A 354 24.61 -18.55 9.19
CA GLY A 354 25.22 -19.61 8.36
C GLY A 354 26.64 -19.16 8.02
N ASP A 355 27.43 -20.02 7.40
CA ASP A 355 28.83 -19.69 7.19
C ASP A 355 29.16 -19.45 5.73
N SER A 356 28.19 -19.02 4.95
CA SER A 356 28.43 -18.76 3.53
C SER A 356 28.31 -17.26 3.26
N ILE A 357 28.86 -16.83 2.14
CA ILE A 357 28.76 -15.41 1.74
C ILE A 357 27.37 -15.15 1.18
N TRP A 358 26.63 -16.22 0.88
CA TRP A 358 25.25 -16.22 0.50
C TRP A 358 24.29 -16.31 1.68
N SER A 359 24.78 -16.55 2.90
CA SER A 359 23.92 -16.73 4.05
C SER A 359 23.17 -15.46 4.45
N ARG A 360 21.86 -15.54 4.61
CA ARG A 360 21.05 -14.40 5.08
C ARG A 360 20.09 -14.91 6.14
N PRO A 361 19.68 -14.07 7.08
CA PRO A 361 20.05 -12.69 7.17
C PRO A 361 21.48 -12.43 7.62
N ALA A 362 21.86 -11.17 7.45
CA ALA A 362 23.15 -10.64 7.81
C ALA A 362 22.93 -9.28 8.48
N ILE A 363 23.64 -9.07 9.57
CA ILE A 363 23.66 -7.75 10.20
C ILE A 363 25.10 -7.23 10.03
N ARG A 364 25.23 -6.08 9.40
CA ARG A 364 26.51 -5.49 9.12
C ARG A 364 26.75 -4.18 9.86
N VAL A 365 28.00 -3.97 10.27
CA VAL A 365 28.48 -2.67 10.71
C VAL A 365 29.65 -2.32 9.78
N PHE A 366 29.57 -1.18 9.10
CA PHE A 366 30.49 -0.90 8.00
C PHE A 366 31.06 0.50 8.01
N ALA A 367 32.07 0.65 7.15
CA ALA A 367 32.68 1.94 6.83
C ALA A 367 32.99 1.89 5.33
N THR A 368 32.63 2.95 4.62
CA THR A 368 32.78 2.98 3.17
C THR A 368 33.59 4.21 2.76
N TYR A 369 34.48 4.00 1.81
CA TYR A 369 35.24 5.14 1.28
C TYR A 369 35.09 5.14 -0.23
N ALA A 370 34.75 6.29 -0.81
CA ALA A 370 34.66 6.33 -2.28
C ALA A 370 35.46 7.54 -2.77
N LYS A 371 36.11 7.40 -3.91
CA LYS A 371 36.81 8.49 -4.54
C LYS A 371 36.47 8.46 -6.04
N TRP A 372 36.04 9.61 -6.55
CA TRP A 372 35.56 9.64 -7.93
C TRP A 372 36.15 10.85 -8.65
N ASP A 373 36.11 10.76 -9.97
CA ASP A 373 36.68 11.79 -10.85
C ASP A 373 35.87 11.79 -12.14
N GLU A 374 34.95 12.74 -12.25
CA GLU A 374 34.02 12.76 -13.36
C GLU A 374 34.28 13.94 -14.28
N LYS A 375 34.55 13.61 -15.54
CA LYS A 375 34.87 14.64 -16.53
C LYS A 375 33.71 14.88 -17.46
N TRP A 376 32.59 14.19 -17.21
CA TRP A 376 31.37 14.46 -17.96
C TRP A 376 30.12 14.15 -17.17
N GLY A 377 29.00 14.66 -17.67
CA GLY A 377 27.71 14.46 -17.06
C GLY A 377 26.60 14.69 -18.09
N TYR A 378 25.38 14.34 -17.72
CA TYR A 378 24.22 14.56 -18.58
C TYR A 378 23.67 15.96 -18.32
N ASP A 379 23.28 16.65 -19.39
CA ASP A 379 22.73 17.98 -19.23
C ASP A 379 21.21 17.87 -19.02
N TYR A 380 20.79 18.10 -17.78
CA TYR A 380 19.36 18.05 -17.46
C TYR A 380 18.89 19.43 -16.97
N THR A 381 19.60 20.47 -17.36
CA THR A 381 19.22 21.84 -17.02
C THR A 381 18.09 22.33 -17.93
N GLY A 382 17.37 23.33 -17.45
CA GLY A 382 16.21 23.86 -18.18
C GLY A 382 15.18 22.73 -18.30
N ASN A 383 14.57 22.65 -19.47
CA ASN A 383 13.66 21.58 -19.83
C ASN A 383 13.90 21.25 -21.29
N ALA A 384 13.25 20.21 -21.81
CA ALA A 384 13.45 19.79 -23.18
C ALA A 384 12.99 20.81 -24.20
N ASP A 385 12.07 21.70 -23.85
CA ASP A 385 11.63 22.77 -24.73
C ASP A 385 12.63 23.92 -24.82
N ASN A 386 13.28 24.31 -23.74
CA ASN A 386 14.26 25.38 -23.73
C ASN A 386 15.64 24.90 -24.23
N ASN A 387 15.95 23.64 -23.92
CA ASN A 387 17.33 23.18 -24.05
C ASN A 387 17.47 22.11 -25.11
N ALA A 388 18.18 22.44 -26.18
CA ALA A 388 18.39 21.49 -27.28
C ALA A 388 19.27 20.34 -26.84
N ASN A 389 20.16 20.54 -25.88
CA ASN A 389 21.02 19.48 -25.39
C ASN A 389 20.39 18.63 -24.29
N PHE A 390 19.14 18.84 -23.93
CA PHE A 390 18.52 18.14 -22.81
C PHE A 390 18.78 16.64 -22.88
N GLY A 391 19.48 16.08 -21.89
CA GLY A 391 19.73 14.65 -21.88
C GLY A 391 20.99 14.20 -22.59
N LYS A 392 21.77 15.09 -23.19
CA LYS A 392 22.99 14.67 -23.86
C LYS A 392 24.15 14.65 -22.86
N ALA A 393 25.11 13.77 -23.07
CA ALA A 393 26.34 13.82 -22.30
C ALA A 393 27.04 15.14 -22.64
N VAL A 394 27.74 15.69 -21.68
CA VAL A 394 28.37 17.02 -21.82
C VAL A 394 29.59 17.05 -20.93
N PRO A 395 30.66 17.73 -21.35
CA PRO A 395 31.86 17.84 -20.57
C PRO A 395 31.51 18.46 -19.23
N ALA A 396 32.28 18.19 -18.18
CA ALA A 396 31.99 18.69 -16.85
C ALA A 396 31.77 20.19 -16.74
N ASP A 397 32.50 20.99 -17.51
CA ASP A 397 32.46 22.44 -17.40
C ASP A 397 31.75 23.12 -18.55
N PHE A 398 31.00 22.36 -19.32
CA PHE A 398 30.22 22.88 -20.44
C PHE A 398 29.49 24.19 -20.12
N ASN A 399 29.76 25.21 -20.92
CA ASN A 399 29.17 26.52 -20.84
C ASN A 399 29.27 27.18 -19.48
N GLY A 400 30.35 26.98 -18.75
CA GLY A 400 30.49 27.51 -17.41
C GLY A 400 29.65 26.80 -16.36
N GLY A 401 28.98 25.70 -16.70
CA GLY A 401 28.17 24.97 -15.74
C GLY A 401 29.00 23.89 -15.04
N SER A 402 28.36 23.07 -14.24
CA SER A 402 29.03 21.94 -13.61
C SER A 402 28.15 20.70 -13.84
N PHE A 403 28.72 19.71 -14.51
CA PHE A 403 27.96 18.53 -14.90
C PHE A 403 28.71 17.28 -14.42
N GLY A 404 27.99 16.30 -13.89
CA GLY A 404 28.69 15.16 -13.28
C GLY A 404 29.00 15.51 -11.83
N ARG A 405 29.65 14.62 -11.11
CA ARG A 405 29.88 14.77 -9.68
C ARG A 405 31.21 15.40 -9.34
N GLY A 406 31.99 15.85 -10.32
CA GLY A 406 33.26 16.50 -10.02
C GLY A 406 34.35 15.51 -9.63
N ASP A 407 35.29 16.00 -8.85
CA ASP A 407 36.53 15.32 -8.50
C ASP A 407 36.65 15.33 -6.98
N SER A 408 36.22 14.25 -6.34
CA SER A 408 36.12 14.36 -4.88
C SER A 408 36.10 13.00 -4.21
N ASP A 409 35.85 13.06 -2.92
CA ASP A 409 36.06 12.05 -1.93
C ASP A 409 34.85 12.00 -1.00
N GLU A 410 34.63 10.88 -0.32
CA GLU A 410 33.68 10.88 0.80
C GLU A 410 33.72 9.54 1.51
N TRP A 411 33.41 9.57 2.80
CA TRP A 411 33.35 8.33 3.56
C TRP A 411 32.03 8.23 4.30
N THR A 412 31.50 7.01 4.44
CA THR A 412 30.26 6.82 5.17
C THR A 412 30.44 5.64 6.12
N PHE A 413 29.57 5.52 7.11
CA PHE A 413 29.58 4.44 8.06
C PHE A 413 28.16 4.19 8.56
N GLY A 414 27.94 3.01 9.13
CA GLY A 414 26.64 2.72 9.70
C GLY A 414 26.43 1.23 9.94
N ALA A 415 25.15 0.87 10.02
CA ALA A 415 24.73 -0.49 10.29
C ALA A 415 23.56 -0.84 9.37
N GLN A 416 23.45 -2.11 9.01
CA GLN A 416 22.40 -2.49 8.07
C GLN A 416 22.07 -3.97 8.20
N MET A 417 20.83 -4.34 7.94
CA MET A 417 20.52 -5.77 7.81
C MET A 417 20.19 -6.01 6.34
N GLU A 418 20.35 -7.24 5.90
CA GLU A 418 19.85 -7.69 4.62
C GLU A 418 19.34 -9.12 4.81
N ILE A 419 18.21 -9.41 4.19
CA ILE A 419 17.69 -10.78 4.32
C ILE A 419 16.92 -11.18 3.08
N TRP A 420 16.98 -12.44 2.72
CA TRP A 420 16.02 -13.05 1.82
C TRP A 420 15.59 -14.36 2.52
N TRP A 421 14.33 -14.70 2.39
CA TRP A 421 13.78 -15.85 3.11
C TRP A 421 12.71 -16.43 2.21
N VAL B 1 -2.52 -18.33 10.98
CA VAL B 1 -3.05 -17.26 10.11
C VAL B 1 -3.75 -17.85 8.88
N ASP B 2 -4.98 -17.43 8.65
CA ASP B 2 -5.70 -17.85 7.43
C ASP B 2 -5.39 -16.85 6.32
N PHE B 3 -5.03 -17.35 5.16
CA PHE B 3 -4.72 -16.59 3.98
C PHE B 3 -5.82 -16.84 2.95
N HIS B 4 -6.60 -15.84 2.58
CA HIS B 4 -7.67 -16.02 1.62
C HIS B 4 -7.70 -14.81 0.70
N GLY B 5 -8.52 -14.87 -0.35
CA GLY B 5 -8.64 -13.70 -1.21
C GLY B 5 -9.16 -14.05 -2.59
N TYR B 6 -8.88 -13.14 -3.51
CA TYR B 6 -9.32 -13.20 -4.88
C TYR B 6 -8.23 -12.54 -5.72
N ALA B 7 -7.94 -13.07 -6.91
CA ALA B 7 -7.03 -12.39 -7.81
C ALA B 7 -7.27 -12.75 -9.27
N ARG B 8 -6.96 -11.82 -10.16
CA ARG B 8 -6.97 -12.06 -11.59
C ARG B 8 -5.81 -11.28 -12.22
N SER B 9 -5.15 -11.88 -13.20
CA SER B 9 -4.01 -11.20 -13.82
C SER B 9 -3.73 -11.87 -15.15
N GLY B 10 -3.37 -11.07 -16.16
CA GLY B 10 -3.13 -11.65 -17.46
C GLY B 10 -2.40 -10.72 -18.42
N ILE B 11 -2.30 -11.21 -19.65
CA ILE B 11 -1.71 -10.44 -20.74
C ILE B 11 -2.58 -10.62 -21.99
N GLY B 12 -2.81 -9.54 -22.72
CA GLY B 12 -3.77 -9.58 -23.81
C GLY B 12 -3.41 -8.63 -24.93
N TRP B 13 -3.99 -8.90 -26.11
CA TRP B 13 -3.68 -8.14 -27.32
C TRP B 13 -4.99 -7.79 -28.04
N THR B 14 -5.00 -6.58 -28.62
CA THR B 14 -6.16 -6.19 -29.44
C THR B 14 -5.82 -6.51 -30.90
N GLY B 15 -6.73 -7.15 -31.60
CA GLY B 15 -6.53 -7.56 -32.99
C GLY B 15 -6.08 -6.47 -33.93
N SER B 16 -6.63 -5.26 -33.83
CA SER B 16 -6.18 -4.14 -34.63
C SER B 16 -4.92 -3.48 -34.07
N GLY B 17 -4.38 -3.94 -32.95
CA GLY B 17 -3.13 -3.39 -32.44
C GLY B 17 -3.20 -2.94 -30.99
N GLY B 18 -2.04 -2.97 -30.33
CA GLY B 18 -1.93 -2.53 -28.94
C GLY B 18 -2.41 -3.58 -27.95
N GLU B 19 -2.41 -3.20 -26.69
CA GLU B 19 -2.79 -4.07 -25.58
C GLU B 19 -4.27 -4.39 -25.64
N GLN B 20 -4.68 -5.44 -24.95
CA GLN B 20 -6.08 -5.85 -24.88
C GLN B 20 -6.98 -4.64 -24.59
N GLN B 21 -8.18 -4.65 -25.15
CA GLN B 21 -9.18 -3.64 -24.81
C GLN B 21 -10.42 -4.38 -24.32
N CYS B 22 -11.15 -3.75 -23.42
CA CYS B 22 -12.32 -4.43 -22.83
C CYS B 22 -13.59 -3.73 -23.24
N PHE B 23 -14.67 -4.51 -23.40
CA PHE B 23 -15.86 -4.07 -24.07
C PHE B 23 -17.07 -4.08 -23.16
N GLN B 24 -17.54 -2.89 -22.86
CA GLN B 24 -18.69 -2.62 -22.04
C GLN B 24 -19.65 -1.67 -22.78
N THR B 25 -20.93 -1.96 -22.76
CA THR B 25 -21.93 -1.11 -23.38
C THR B 25 -22.10 0.20 -22.63
N THR B 26 -22.10 1.31 -23.37
CA THR B 26 -22.40 2.61 -22.70
C THR B 26 -23.79 2.55 -22.11
N GLY B 27 -23.93 2.79 -20.82
CA GLY B 27 -25.21 2.69 -20.13
C GLY B 27 -25.38 1.41 -19.31
N ALA B 28 -24.67 0.35 -19.64
CA ALA B 28 -24.75 -0.88 -18.83
C ALA B 28 -23.86 -0.77 -17.59
N GLN B 29 -24.26 -1.36 -16.47
CA GLN B 29 -23.41 -1.31 -15.28
C GLN B 29 -22.49 -2.52 -15.14
N SER B 30 -22.30 -3.31 -16.19
CA SER B 30 -21.46 -4.50 -16.14
C SER B 30 -21.05 -4.89 -17.55
N LYS B 31 -20.16 -5.86 -17.64
CA LYS B 31 -19.73 -6.43 -18.90
C LYS B 31 -19.55 -7.95 -18.73
N TYR B 32 -19.59 -8.70 -19.82
CA TYR B 32 -19.35 -10.14 -19.77
C TYR B 32 -17.85 -10.36 -19.62
N ARG B 33 -17.44 -10.87 -18.46
CA ARG B 33 -16.05 -10.78 -18.05
C ARG B 33 -15.08 -11.73 -18.71
N LEU B 34 -15.51 -12.90 -19.16
CA LEU B 34 -14.59 -13.90 -19.72
C LEU B 34 -13.85 -13.32 -20.91
N GLY B 35 -12.52 -13.27 -20.83
CA GLY B 35 -11.67 -12.74 -21.88
C GLY B 35 -11.99 -11.26 -22.11
N ASN B 36 -12.40 -10.58 -21.04
CA ASN B 36 -12.87 -9.20 -21.18
C ASN B 36 -12.60 -8.44 -19.88
N GLU B 37 -11.41 -8.67 -19.31
CA GLU B 37 -10.99 -8.07 -18.05
C GLU B 37 -9.57 -7.52 -18.26
N CYS B 38 -9.42 -6.22 -18.09
CA CYS B 38 -8.22 -5.50 -18.52
C CYS B 38 -7.36 -4.96 -17.39
N GLU B 39 -7.39 -5.55 -16.20
CA GLU B 39 -6.55 -5.09 -15.10
C GLU B 39 -6.14 -6.29 -14.24
N THR B 40 -5.07 -6.11 -13.48
CA THR B 40 -4.73 -7.07 -12.43
C THR B 40 -5.43 -6.57 -11.16
N TYR B 41 -6.28 -7.39 -10.60
CA TYR B 41 -7.03 -7.04 -9.40
C TYR B 41 -6.80 -8.14 -8.35
N ALA B 42 -6.50 -7.77 -7.12
CA ALA B 42 -6.21 -8.76 -6.09
C ALA B 42 -6.69 -8.26 -4.73
N GLU B 43 -7.30 -9.16 -3.97
CA GLU B 43 -7.59 -8.94 -2.57
C GLU B 43 -6.80 -9.94 -1.75
N LEU B 44 -5.99 -9.45 -0.82
CA LEU B 44 -5.21 -10.32 0.04
C LEU B 44 -5.78 -10.25 1.45
N LYS B 45 -6.35 -11.37 1.87
CA LYS B 45 -7.00 -11.41 3.19
C LYS B 45 -6.16 -12.20 4.17
N LEU B 46 -5.93 -11.65 5.34
CA LEU B 46 -5.25 -12.35 6.43
C LEU B 46 -6.18 -12.33 7.63
N GLY B 47 -6.56 -13.52 8.10
CA GLY B 47 -7.49 -13.52 9.23
C GLY B 47 -7.01 -14.57 10.24
N GLN B 48 -7.66 -14.56 11.41
CA GLN B 48 -7.30 -15.51 12.44
C GLN B 48 -8.42 -15.66 13.45
N GLU B 49 -8.62 -16.89 13.88
CA GLU B 49 -9.50 -17.16 15.02
C GLU B 49 -8.66 -16.89 16.26
N VAL B 50 -8.88 -15.74 16.91
CA VAL B 50 -7.91 -15.36 17.94
C VAL B 50 -8.27 -15.87 19.31
N TRP B 51 -9.47 -16.40 19.50
CA TRP B 51 -9.90 -16.89 20.80
C TRP B 51 -11.07 -17.83 20.58
N LYS B 52 -11.02 -18.94 21.32
CA LYS B 52 -12.05 -19.95 21.22
C LYS B 52 -12.21 -20.69 22.55
N GLU B 53 -13.41 -20.71 23.09
CA GLU B 53 -13.69 -21.49 24.29
C GLU B 53 -15.02 -22.21 24.09
N GLY B 54 -14.94 -23.53 23.90
CA GLY B 54 -16.13 -24.31 23.59
C GLY B 54 -16.72 -23.86 22.26
N ASP B 55 -17.96 -23.43 22.30
CA ASP B 55 -18.74 -23.00 21.15
C ASP B 55 -18.48 -21.53 20.79
N LYS B 56 -17.85 -20.80 21.72
CA LYS B 56 -17.69 -19.37 21.59
C LYS B 56 -16.38 -19.03 20.91
N SER B 57 -16.37 -18.08 19.97
CA SER B 57 -15.12 -17.64 19.37
C SER B 57 -15.18 -16.23 18.83
N PHE B 58 -13.99 -15.65 18.68
CA PHE B 58 -13.76 -14.39 18.03
C PHE B 58 -12.88 -14.65 16.79
N TYR B 59 -13.32 -14.15 15.65
CA TYR B 59 -12.55 -14.20 14.42
C TYR B 59 -12.20 -12.78 13.95
N PHE B 60 -10.96 -12.57 13.59
CA PHE B 60 -10.45 -11.30 13.09
C PHE B 60 -10.15 -11.43 11.60
N ASP B 61 -10.59 -10.48 10.80
CA ASP B 61 -10.42 -10.59 9.34
C ASP B 61 -10.04 -9.27 8.71
N THR B 62 -9.16 -9.29 7.71
CA THR B 62 -8.70 -8.13 7.01
C THR B 62 -8.77 -8.32 5.50
N ASN B 63 -8.60 -7.21 4.77
CA ASN B 63 -8.67 -7.27 3.31
C ASN B 63 -7.99 -6.02 2.75
N VAL B 64 -6.92 -6.21 2.01
CA VAL B 64 -6.18 -5.16 1.34
C VAL B 64 -6.30 -5.45 -0.17
N ALA B 65 -6.83 -4.52 -0.93
CA ALA B 65 -7.08 -4.74 -2.35
C ALA B 65 -6.18 -3.84 -3.20
N TYR B 66 -5.72 -4.38 -4.31
CA TYR B 66 -4.84 -3.76 -5.26
C TYR B 66 -5.46 -3.84 -6.66
N SER B 67 -5.37 -2.74 -7.40
CA SER B 67 -5.82 -2.75 -8.79
C SER B 67 -4.79 -2.07 -9.65
N VAL B 68 -4.11 -2.78 -10.53
CA VAL B 68 -3.06 -2.13 -11.33
C VAL B 68 -3.32 -2.43 -12.80
N ALA B 69 -2.74 -1.65 -13.70
CA ALA B 69 -3.03 -1.68 -15.12
C ALA B 69 -2.40 -2.86 -15.81
N GLN B 70 -1.51 -3.62 -15.18
CA GLN B 70 -0.83 -4.77 -15.77
C GLN B 70 -0.27 -4.41 -17.13
N GLN B 71 0.54 -3.36 -17.18
CA GLN B 71 1.24 -2.98 -18.39
C GLN B 71 2.73 -2.96 -18.09
N ASN B 72 3.08 -3.10 -16.80
CA ASN B 72 4.50 -3.04 -16.43
C ASN B 72 4.74 -3.88 -15.19
N ASP B 73 5.98 -4.11 -14.86
CA ASP B 73 6.41 -4.81 -13.66
C ASP B 73 6.15 -3.94 -12.44
N TRP B 74 6.92 -2.88 -12.31
CA TRP B 74 6.79 -1.95 -11.18
C TRP B 74 5.55 -1.09 -11.34
N GLU B 75 4.45 -1.43 -10.69
CA GLU B 75 3.24 -0.62 -10.79
C GLU B 75 2.81 -0.21 -9.37
N ALA B 76 3.17 1.01 -9.04
CA ALA B 76 2.92 1.64 -7.76
C ALA B 76 1.44 2.03 -7.71
N THR B 77 0.79 1.79 -6.59
CA THR B 77 -0.65 2.06 -6.53
C THR B 77 -1.03 2.41 -5.08
N ASP B 78 -2.24 2.85 -4.88
CA ASP B 78 -2.83 3.05 -3.58
C ASP B 78 -3.74 1.84 -3.30
N PRO B 79 -3.31 1.00 -2.38
CA PRO B 79 -4.12 -0.17 -2.03
C PRO B 79 -5.36 0.35 -1.31
N ALA B 80 -6.47 -0.36 -1.47
CA ALA B 80 -7.67 0.02 -0.71
C ALA B 80 -7.75 -0.86 0.54
N PHE B 81 -7.87 -0.26 1.71
CA PHE B 81 -8.01 -1.04 2.93
C PHE B 81 -9.50 -1.30 3.15
N ARG B 82 -10.00 -2.40 2.59
CA ARG B 82 -11.44 -2.65 2.55
C ARG B 82 -12.04 -3.34 3.74
N GLU B 83 -11.34 -4.26 4.41
CA GLU B 83 -11.94 -4.95 5.57
C GLU B 83 -10.98 -4.98 6.75
N ALA B 84 -11.53 -4.81 7.93
CA ALA B 84 -10.90 -4.93 9.22
C ALA B 84 -12.01 -5.06 10.26
N ASN B 85 -12.37 -6.31 10.62
CA ASN B 85 -13.52 -6.46 11.50
C ASN B 85 -13.33 -7.65 12.42
N VAL B 86 -14.04 -7.62 13.55
CA VAL B 86 -14.06 -8.75 14.47
C VAL B 86 -15.48 -9.31 14.54
N GLN B 87 -15.60 -10.61 14.44
CA GLN B 87 -16.86 -11.33 14.56
C GLN B 87 -16.87 -12.19 15.84
N GLY B 88 -17.80 -11.92 16.73
CA GLY B 88 -17.95 -12.67 17.99
C GLY B 88 -19.14 -13.63 17.85
N LYS B 89 -18.83 -14.93 17.81
CA LYS B 89 -19.90 -15.92 17.57
C LYS B 89 -20.28 -16.68 18.83
N ASN B 90 -21.60 -16.83 19.03
CA ASN B 90 -22.14 -17.55 20.16
C ASN B 90 -21.84 -16.89 21.51
N LEU B 91 -21.83 -15.56 21.55
CA LEU B 91 -21.48 -14.87 22.79
C LEU B 91 -22.75 -14.55 23.57
N ILE B 92 -23.88 -14.52 22.87
CA ILE B 92 -25.14 -14.16 23.54
C ILE B 92 -25.96 -15.41 23.77
N GLU B 93 -26.03 -15.88 25.00
CA GLU B 93 -26.67 -17.13 25.37
C GLU B 93 -28.13 -17.23 24.93
N TRP B 94 -28.88 -16.14 25.03
CA TRP B 94 -30.29 -16.17 24.62
C TRP B 94 -30.50 -16.05 23.13
N LEU B 95 -29.46 -15.95 22.32
CA LEU B 95 -29.54 -15.94 20.87
C LEU B 95 -28.46 -16.88 20.30
N PRO B 96 -28.62 -18.18 20.51
CA PRO B 96 -27.66 -19.16 20.08
C PRO B 96 -27.38 -19.11 18.60
N GLY B 97 -26.11 -19.26 18.25
CA GLY B 97 -25.66 -19.33 16.89
C GLY B 97 -25.45 -17.97 16.23
N SER B 98 -25.83 -16.89 16.89
CA SER B 98 -25.80 -15.57 16.27
C SER B 98 -24.44 -14.93 16.43
N THR B 99 -24.12 -14.03 15.51
CA THR B 99 -22.82 -13.33 15.54
C THR B 99 -22.99 -11.84 15.76
N ILE B 100 -22.16 -11.29 16.64
CA ILE B 100 -22.05 -9.85 16.78
C ILE B 100 -20.76 -9.40 16.08
N TRP B 101 -20.84 -8.29 15.35
CA TRP B 101 -19.64 -7.83 14.64
C TRP B 101 -19.58 -6.32 14.53
N ALA B 102 -18.39 -5.82 14.27
CA ALA B 102 -18.11 -4.42 14.03
C ALA B 102 -16.80 -4.29 13.24
N GLY B 103 -16.74 -3.27 12.39
CA GLY B 103 -15.54 -2.98 11.61
C GLY B 103 -15.92 -2.93 10.14
N LYS B 104 -14.93 -2.74 9.28
CA LYS B 104 -15.21 -2.68 7.84
C LYS B 104 -15.33 -4.12 7.35
N ARG B 105 -16.38 -4.43 6.64
CA ARG B 105 -16.67 -5.80 6.29
C ARG B 105 -17.43 -5.92 4.96
N PHE B 106 -17.08 -6.94 4.20
CA PHE B 106 -17.88 -7.34 3.03
C PHE B 106 -19.10 -8.10 3.56
N TYR B 107 -20.25 -7.45 3.66
CA TYR B 107 -21.38 -8.03 4.40
C TYR B 107 -22.35 -8.74 3.48
N GLN B 108 -22.42 -10.05 3.57
CA GLN B 108 -23.38 -10.84 2.80
C GLN B 108 -23.68 -10.29 1.43
N ARG B 109 -22.66 -10.30 0.56
CA ARG B 109 -22.76 -9.74 -0.77
C ARG B 109 -23.44 -10.70 -1.73
N HIS B 110 -24.27 -10.20 -2.65
CA HIS B 110 -24.87 -11.09 -3.65
C HIS B 110 -24.42 -10.59 -5.02
N ASP B 111 -23.86 -11.47 -5.83
CA ASP B 111 -23.35 -11.08 -7.14
C ASP B 111 -23.69 -12.14 -8.17
N VAL B 112 -23.52 -11.77 -9.43
CA VAL B 112 -23.61 -12.68 -10.55
C VAL B 112 -22.17 -12.80 -11.08
N HIS B 113 -21.53 -13.93 -10.90
CA HIS B 113 -20.12 -14.07 -11.25
C HIS B 113 -19.81 -13.62 -12.65
N MET B 114 -20.52 -14.09 -13.68
CA MET B 114 -20.09 -13.98 -15.07
C MET B 114 -20.11 -12.57 -15.63
N ILE B 115 -20.86 -11.67 -15.01
CA ILE B 115 -20.84 -10.27 -15.39
C ILE B 115 -20.26 -9.43 -14.26
N ASP B 116 -19.69 -10.12 -13.26
CA ASP B 116 -19.07 -9.47 -12.12
C ASP B 116 -19.95 -8.33 -11.61
N PHE B 117 -21.20 -8.64 -11.31
CA PHE B 117 -22.20 -7.64 -10.96
C PHE B 117 -22.78 -7.91 -9.58
N TYR B 118 -22.56 -7.02 -8.64
CA TYR B 118 -23.12 -7.10 -7.32
C TYR B 118 -24.47 -6.40 -7.30
N TYR B 119 -25.49 -7.12 -6.85
CA TYR B 119 -26.85 -6.57 -6.90
C TYR B 119 -27.36 -6.30 -5.50
N TRP B 120 -26.62 -6.83 -4.52
CA TRP B 120 -26.99 -6.55 -3.13
C TRP B 120 -25.70 -6.47 -2.32
N ASP B 121 -25.22 -5.24 -2.15
CA ASP B 121 -23.95 -5.02 -1.46
C ASP B 121 -23.96 -3.76 -0.63
N ILE B 122 -24.02 -3.89 0.70
CA ILE B 122 -23.99 -2.72 1.57
C ILE B 122 -22.67 -2.62 2.32
N SER B 123 -21.65 -3.29 1.79
CA SER B 123 -20.37 -3.37 2.47
C SER B 123 -19.80 -1.99 2.78
N GLY B 124 -19.14 -1.90 3.91
CA GLY B 124 -18.40 -0.74 4.34
C GLY B 124 -18.18 -0.86 5.86
N PRO B 125 -17.79 0.24 6.47
CA PRO B 125 -17.71 0.34 7.91
C PRO B 125 -19.10 0.02 8.46
N GLY B 126 -19.18 -0.77 9.52
CA GLY B 126 -20.50 -1.13 10.03
C GLY B 126 -20.47 -1.93 11.32
N ALA B 127 -21.66 -2.43 11.67
CA ALA B 127 -21.83 -3.28 12.84
C ALA B 127 -23.19 -3.95 12.73
N GLY B 128 -23.36 -5.08 13.45
CA GLY B 128 -24.63 -5.76 13.35
C GLY B 128 -24.72 -6.99 14.23
N LEU B 129 -25.89 -7.62 14.13
CA LEU B 129 -26.23 -8.81 14.88
C LEU B 129 -26.84 -9.78 13.86
N GLU B 130 -26.05 -10.80 13.57
CA GLU B 130 -26.27 -11.66 12.41
C GLU B 130 -26.79 -13.04 12.82
N ASN B 131 -27.58 -13.62 11.95
CA ASN B 131 -28.04 -15.00 12.07
C ASN B 131 -28.81 -15.30 13.34
N ILE B 132 -29.79 -14.47 13.67
CA ILE B 132 -30.64 -14.78 14.83
C ILE B 132 -31.61 -15.88 14.41
N ASP B 133 -31.57 -17.00 15.11
CA ASP B 133 -32.44 -18.14 14.78
C ASP B 133 -33.88 -17.79 15.19
N VAL B 134 -34.75 -17.72 14.21
CA VAL B 134 -36.12 -17.21 14.48
C VAL B 134 -37.12 -18.31 14.21
N GLY B 135 -36.62 -19.54 14.13
CA GLY B 135 -37.40 -20.74 13.98
C GLY B 135 -37.63 -21.13 12.54
N PHE B 136 -38.34 -20.30 11.79
CA PHE B 136 -38.60 -20.59 10.38
C PHE B 136 -37.59 -19.92 9.46
N GLY B 137 -36.52 -19.36 10.02
CA GLY B 137 -35.48 -18.72 9.25
C GLY B 137 -34.44 -17.99 10.10
N LYS B 138 -33.54 -17.32 9.40
CA LYS B 138 -32.46 -16.57 10.03
C LYS B 138 -32.63 -15.07 9.78
N LEU B 139 -32.61 -14.34 10.87
CA LEU B 139 -32.78 -12.88 10.83
C LEU B 139 -31.42 -12.21 11.07
N SER B 140 -31.11 -11.21 10.28
CA SER B 140 -29.88 -10.44 10.44
C SER B 140 -30.19 -8.94 10.38
N LEU B 141 -29.59 -8.19 11.29
CA LEU B 141 -29.70 -6.75 11.36
C LEU B 141 -28.31 -6.13 11.21
N ALA B 142 -28.17 -5.08 10.40
CA ALA B 142 -26.90 -4.39 10.25
C ALA B 142 -27.09 -2.91 9.96
N ALA B 143 -26.06 -2.14 10.29
CA ALA B 143 -25.98 -0.73 9.90
C ALA B 143 -24.62 -0.48 9.26
N THR B 144 -24.55 0.08 8.07
CA THR B 144 -23.27 0.37 7.42
C THR B 144 -23.27 1.81 6.91
N ARG B 145 -22.09 2.31 6.59
CA ARG B 145 -21.88 3.71 6.26
C ARG B 145 -21.23 3.85 4.88
N SER B 146 -21.65 4.85 4.14
CA SER B 146 -21.00 5.31 2.94
C SER B 146 -21.01 6.84 2.96
N SER B 147 -20.30 7.48 2.04
CA SER B 147 -20.26 8.94 2.08
C SER B 147 -20.09 9.49 0.67
N GLU B 148 -20.87 10.51 0.34
CA GLU B 148 -20.66 11.14 -0.99
C GLU B 148 -19.53 12.15 -0.85
N ALA B 149 -18.77 12.37 -1.90
CA ALA B 149 -17.65 13.29 -1.91
C ALA B 149 -18.05 14.73 -1.63
N GLY B 150 -19.23 15.17 -2.03
CA GLY B 150 -19.69 16.53 -1.71
C GLY B 150 -21.19 16.49 -1.38
N GLY B 151 -21.94 17.53 -1.68
CA GLY B 151 -23.38 17.51 -1.58
C GLY B 151 -23.98 18.36 -0.47
N SER B 152 -23.20 18.73 0.53
CA SER B 152 -23.68 19.46 1.69
C SER B 152 -23.11 20.88 1.73
N SER B 153 -23.96 21.84 2.05
CA SER B 153 -23.51 23.20 2.30
C SER B 153 -23.64 23.52 3.79
N SER B 154 -22.70 24.33 4.30
CA SER B 154 -22.77 24.75 5.69
C SER B 154 -23.68 25.97 5.87
N PHE B 155 -24.09 26.60 4.79
CA PHE B 155 -24.96 27.77 4.87
C PHE B 155 -26.06 27.69 3.81
N ALA B 156 -27.14 28.42 4.05
CA ALA B 156 -28.23 28.48 3.06
C ALA B 156 -27.69 29.09 1.76
N SER B 157 -27.95 28.41 0.65
CA SER B 157 -27.47 28.86 -0.65
C SER B 157 -28.31 28.28 -1.77
N ASN B 158 -28.42 29.01 -2.87
CA ASN B 158 -29.12 28.55 -4.06
C ASN B 158 -28.08 28.17 -5.12
N ASN B 159 -26.82 28.44 -4.79
CA ASN B 159 -25.73 28.08 -5.70
C ASN B 159 -25.24 26.66 -5.40
N ILE B 160 -25.36 25.79 -6.39
CA ILE B 160 -24.93 24.40 -6.28
C ILE B 160 -23.43 24.24 -6.07
N TYR B 161 -22.63 25.24 -6.39
CA TYR B 161 -21.19 25.21 -6.17
C TYR B 161 -20.80 25.33 -4.71
N ASP B 162 -21.72 25.64 -3.82
CA ASP B 162 -21.46 25.71 -2.39
C ASP B 162 -21.61 24.36 -1.68
N TYR B 163 -22.19 23.37 -2.35
CA TYR B 163 -22.49 22.08 -1.72
C TYR B 163 -21.36 21.08 -1.87
N THR B 164 -20.24 21.38 -1.23
CA THR B 164 -19.00 20.65 -1.47
C THR B 164 -18.52 19.85 -0.27
N ASN B 165 -19.22 19.95 0.85
CA ASN B 165 -18.89 19.18 2.05
C ASN B 165 -19.43 17.75 1.94
N GLU B 166 -18.59 16.78 2.27
CA GLU B 166 -18.90 15.36 2.20
C GLU B 166 -20.18 15.07 2.97
N THR B 167 -21.02 14.19 2.41
CA THR B 167 -22.23 13.86 3.18
C THR B 167 -22.33 12.37 3.44
N ALA B 168 -22.25 12.06 4.74
CA ALA B 168 -22.41 10.69 5.22
C ALA B 168 -23.79 10.16 4.84
N ASN B 169 -23.87 8.93 4.37
CA ASN B 169 -25.16 8.26 4.17
C ASN B 169 -25.19 6.98 5.03
N ASP B 170 -26.27 6.79 5.76
CA ASP B 170 -26.44 5.59 6.58
C ASP B 170 -27.41 4.62 5.89
N VAL B 171 -27.17 3.32 6.05
CA VAL B 171 -28.08 2.29 5.57
C VAL B 171 -28.43 1.35 6.73
N PHE B 172 -29.72 1.05 6.90
CA PHE B 172 -30.19 0.18 7.98
C PHE B 172 -30.82 -1.02 7.30
N ASP B 173 -30.29 -2.19 7.63
CA ASP B 173 -30.54 -3.37 6.80
C ASP B 173 -31.08 -4.50 7.65
N VAL B 174 -32.17 -5.10 7.19
CA VAL B 174 -32.83 -6.20 7.89
C VAL B 174 -33.10 -7.30 6.86
N ARG B 175 -32.60 -8.50 7.13
CA ARG B 175 -32.79 -9.61 6.19
C ARG B 175 -33.34 -10.83 6.93
N LEU B 176 -34.18 -11.57 6.23
CA LEU B 176 -34.77 -12.79 6.76
C LEU B 176 -34.58 -13.88 5.71
N ALA B 177 -33.69 -14.82 6.02
CA ALA B 177 -33.24 -15.77 5.01
C ALA B 177 -33.51 -17.21 5.44
N GLN B 178 -33.27 -18.11 4.50
CA GLN B 178 -33.33 -19.55 4.75
C GLN B 178 -34.74 -20.05 5.07
N MET B 179 -35.75 -19.39 4.54
CA MET B 179 -37.13 -19.84 4.70
C MET B 179 -37.43 -20.95 3.69
N GLU B 180 -37.62 -22.16 4.15
CA GLU B 180 -37.95 -23.28 3.25
C GLU B 180 -39.40 -23.14 2.80
N ILE B 181 -39.59 -22.85 1.53
CA ILE B 181 -40.88 -22.46 0.96
C ILE B 181 -41.33 -23.50 -0.05
N ASN B 182 -40.41 -24.38 -0.45
CA ASN B 182 -40.65 -25.42 -1.41
C ASN B 182 -39.45 -26.35 -1.49
N PRO B 183 -39.67 -27.60 -1.89
CA PRO B 183 -38.62 -28.61 -1.90
C PRO B 183 -37.40 -28.15 -2.68
N GLY B 184 -36.25 -28.07 -2.01
CA GLY B 184 -35.01 -27.62 -2.61
C GLY B 184 -34.97 -26.12 -2.88
N GLY B 185 -35.85 -25.36 -2.23
CA GLY B 185 -36.02 -23.95 -2.55
C GLY B 185 -36.07 -23.08 -1.31
N THR B 186 -35.19 -22.09 -1.25
CA THR B 186 -35.20 -21.16 -0.12
C THR B 186 -35.57 -19.76 -0.62
N LEU B 187 -36.11 -18.98 0.30
CA LEU B 187 -36.46 -17.60 0.05
C LEU B 187 -35.75 -16.69 1.06
N GLU B 188 -35.27 -15.56 0.57
CA GLU B 188 -34.65 -14.55 1.41
C GLU B 188 -35.34 -13.23 1.08
N LEU B 189 -35.67 -12.50 2.11
CA LEU B 189 -36.28 -11.17 1.98
C LEU B 189 -35.38 -10.15 2.66
N GLY B 190 -35.25 -8.97 2.05
CA GLY B 190 -34.49 -7.91 2.72
C GLY B 190 -35.12 -6.55 2.45
N VAL B 191 -34.94 -5.67 3.41
CA VAL B 191 -35.33 -4.29 3.37
C VAL B 191 -34.10 -3.43 3.73
N ASP B 192 -33.83 -2.44 2.91
CA ASP B 192 -32.83 -1.43 3.27
C ASP B 192 -33.48 -0.05 3.29
N TYR B 193 -33.23 0.69 4.35
CA TYR B 193 -33.56 2.10 4.43
C TYR B 193 -32.26 2.91 4.50
N GLY B 194 -32.06 3.79 3.51
CA GLY B 194 -30.86 4.63 3.54
C GLY B 194 -31.23 6.10 3.52
N ARG B 195 -30.40 6.93 4.14
CA ARG B 195 -30.58 8.36 4.20
C ARG B 195 -29.29 9.13 4.35
N ALA B 196 -29.27 10.32 3.73
CA ALA B 196 -28.18 11.26 4.00
C ALA B 196 -28.30 11.69 5.46
N ASN B 197 -27.20 11.83 6.14
CA ASN B 197 -27.16 12.14 7.56
C ASN B 197 -26.32 13.40 7.77
N LEU B 198 -27.01 14.53 7.80
CA LEU B 198 -26.40 15.85 7.74
C LEU B 198 -25.79 16.28 9.05
N ARG B 199 -24.62 16.92 8.98
CA ARG B 199 -24.10 17.58 10.18
C ARG B 199 -25.08 18.68 10.61
N ASP B 200 -25.00 19.07 11.87
CA ASP B 200 -25.79 20.16 12.41
C ASP B 200 -25.69 21.42 11.57
N ASN B 201 -26.82 21.96 11.12
CA ASN B 201 -26.86 23.19 10.34
C ASN B 201 -26.38 23.04 8.91
N TYR B 202 -26.11 21.85 8.40
CA TYR B 202 -25.73 21.72 6.99
C TYR B 202 -26.99 21.43 6.20
N ARG B 203 -26.92 21.55 4.88
CA ARG B 203 -28.12 21.36 4.07
C ARG B 203 -27.81 20.64 2.76
N LEU B 204 -28.86 20.03 2.21
CA LEU B 204 -28.85 19.49 0.88
C LEU B 204 -29.50 20.50 -0.07
N VAL B 205 -29.15 20.41 -1.33
CA VAL B 205 -29.72 21.25 -2.38
C VAL B 205 -31.21 21.04 -2.42
N ASP B 206 -31.98 22.07 -2.77
CA ASP B 206 -33.43 21.98 -2.81
C ASP B 206 -33.85 20.83 -3.72
N GLY B 207 -34.76 19.99 -3.29
CA GLY B 207 -35.20 18.87 -4.14
C GLY B 207 -34.38 17.60 -3.96
N ALA B 208 -33.32 17.61 -3.18
CA ALA B 208 -32.48 16.41 -3.03
C ALA B 208 -33.32 15.23 -2.58
N SER B 209 -33.05 14.05 -3.14
CA SER B 209 -33.79 12.85 -2.70
C SER B 209 -33.67 12.66 -1.20
N LYS B 210 -32.47 12.78 -0.64
CA LYS B 210 -32.27 12.64 0.79
C LYS B 210 -32.27 11.20 1.29
N ASP B 211 -33.35 10.46 1.04
CA ASP B 211 -33.45 9.10 1.56
C ASP B 211 -34.19 8.22 0.57
N GLY B 212 -34.35 6.95 0.93
CA GLY B 212 -34.89 6.00 -0.06
C GLY B 212 -34.82 4.60 0.57
N TRP B 213 -35.43 3.66 -0.11
CA TRP B 213 -35.58 2.30 0.31
C TRP B 213 -35.10 1.36 -0.80
N LEU B 214 -34.67 0.17 -0.38
CA LEU B 214 -34.43 -0.90 -1.36
C LEU B 214 -35.05 -2.19 -0.79
N PHE B 215 -35.88 -2.83 -1.59
CA PHE B 215 -36.56 -4.05 -1.17
C PHE B 215 -36.06 -5.19 -2.07
N THR B 216 -35.68 -6.28 -1.42
CA THR B 216 -35.12 -7.41 -2.16
C THR B 216 -35.85 -8.71 -1.86
N ALA B 217 -36.00 -9.54 -2.87
CA ALA B 217 -36.54 -10.88 -2.70
C ALA B 217 -35.70 -11.82 -3.57
N GLU B 218 -35.14 -12.85 -2.95
CA GLU B 218 -34.31 -13.79 -3.70
C GLU B 218 -34.77 -15.21 -3.39
N HIS B 219 -35.06 -15.93 -4.47
CA HIS B 219 -35.45 -17.32 -4.33
C HIS B 219 -34.28 -18.17 -4.85
N THR B 220 -33.85 -19.13 -4.03
CA THR B 220 -32.77 -20.01 -4.46
C THR B 220 -33.30 -21.43 -4.59
N GLN B 221 -33.09 -22.03 -5.75
CA GLN B 221 -33.57 -23.35 -6.07
C GLN B 221 -32.43 -24.31 -6.41
N SER B 222 -32.37 -25.41 -5.67
CA SER B 222 -31.40 -26.46 -5.99
C SER B 222 -31.89 -27.26 -7.19
N VAL B 223 -31.14 -27.24 -8.28
CA VAL B 223 -31.50 -27.83 -9.54
C VAL B 223 -30.22 -28.39 -10.21
N LEU B 224 -30.37 -29.49 -10.91
CA LEU B 224 -29.33 -30.07 -11.74
C LEU B 224 -27.93 -29.94 -11.21
N LYS B 225 -27.71 -30.32 -9.95
CA LYS B 225 -26.42 -30.29 -9.32
C LYS B 225 -25.87 -28.90 -9.09
N GLY B 226 -26.69 -27.87 -9.29
CA GLY B 226 -26.24 -26.50 -9.09
C GLY B 226 -27.38 -25.70 -8.48
N PHE B 227 -27.64 -24.53 -9.06
CA PHE B 227 -28.72 -23.71 -8.49
C PHE B 227 -29.26 -22.72 -9.54
N ASN B 228 -30.36 -22.15 -9.15
CA ASN B 228 -31.00 -21.06 -9.86
C ASN B 228 -31.36 -19.99 -8.82
N LYS B 229 -31.03 -18.75 -9.13
CA LYS B 229 -31.48 -17.67 -8.23
C LYS B 229 -32.37 -16.76 -9.07
N PHE B 230 -33.51 -16.45 -8.50
CA PHE B 230 -34.49 -15.56 -9.13
C PHE B 230 -34.67 -14.39 -8.16
N VAL B 231 -34.39 -13.20 -8.66
CA VAL B 231 -34.29 -12.01 -7.81
C VAL B 231 -35.18 -10.89 -8.35
N VAL B 232 -35.85 -10.24 -7.44
CA VAL B 232 -36.67 -9.07 -7.73
C VAL B 232 -36.29 -7.99 -6.68
N GLN B 233 -35.94 -6.82 -7.17
CA GLN B 233 -35.58 -5.72 -6.29
C GLN B 233 -36.30 -4.45 -6.79
N TYR B 234 -36.67 -3.65 -5.82
CA TYR B 234 -37.31 -2.37 -6.10
C TYR B 234 -36.69 -1.31 -5.19
N ALA B 235 -36.17 -0.26 -5.81
CA ALA B 235 -35.51 0.79 -5.05
C ALA B 235 -36.19 2.13 -5.39
N THR B 236 -35.99 3.04 -4.49
CA THR B 236 -36.62 4.36 -4.48
C THR B 236 -35.57 5.43 -4.23
N ASP B 237 -35.67 6.55 -4.94
CA ASP B 237 -34.92 7.74 -4.74
C ASP B 237 -33.45 7.56 -4.46
N SER B 238 -32.96 7.86 -3.27
CA SER B 238 -31.56 7.89 -2.95
C SER B 238 -30.84 6.56 -3.14
N MET B 239 -31.56 5.45 -3.22
CA MET B 239 -31.03 4.12 -3.39
C MET B 239 -30.92 3.68 -4.83
N THR B 240 -31.33 4.50 -5.79
CA THR B 240 -31.34 4.12 -7.18
C THR B 240 -30.03 4.32 -7.92
N SER B 241 -29.21 5.32 -7.50
CA SER B 241 -28.02 5.62 -8.33
C SER B 241 -26.94 4.58 -8.11
N GLN B 242 -26.66 4.22 -6.86
CA GLN B 242 -25.71 3.11 -6.64
C GLN B 242 -26.41 1.79 -6.95
N GLY B 243 -27.61 1.59 -6.40
CA GLY B 243 -28.49 0.52 -6.77
C GLY B 243 -28.21 -0.85 -6.18
N LYS B 244 -27.37 -0.92 -5.14
CA LYS B 244 -27.00 -2.22 -4.55
C LYS B 244 -27.25 -2.19 -3.04
N GLY B 245 -27.77 -1.07 -2.52
CA GLY B 245 -28.11 -1.00 -1.12
C GLY B 245 -27.46 0.19 -0.41
N LEU B 246 -26.64 0.96 -1.10
CA LEU B 246 -26.06 2.16 -0.49
C LEU B 246 -26.83 3.40 -0.94
N SER B 247 -26.96 4.37 -0.02
CA SER B 247 -27.75 5.56 -0.37
C SER B 247 -26.85 6.69 -0.84
N GLN B 248 -27.35 7.50 -1.77
CA GLN B 248 -26.68 8.71 -2.22
C GLN B 248 -27.70 9.86 -2.23
N GLY B 249 -28.04 10.34 -1.03
CA GLY B 249 -29.10 11.30 -0.86
C GLY B 249 -28.84 12.71 -1.34
N SER B 250 -27.59 13.13 -1.50
CA SER B 250 -27.27 14.50 -1.80
C SER B 250 -27.64 14.87 -3.22
N GLY B 251 -27.48 13.95 -4.17
CA GLY B 251 -27.79 14.19 -5.56
C GLY B 251 -26.82 15.15 -6.26
N VAL B 252 -25.62 15.29 -5.70
CA VAL B 252 -24.60 16.18 -6.24
C VAL B 252 -23.38 15.37 -6.70
N ALA B 253 -22.88 15.72 -7.88
CA ALA B 253 -21.66 15.13 -8.41
C ALA B 253 -20.69 16.25 -8.83
N PHE B 254 -19.44 15.87 -9.08
CA PHE B 254 -18.41 16.84 -9.43
C PHE B 254 -17.72 16.46 -10.73
N ASP B 255 -17.43 17.45 -11.58
CA ASP B 255 -16.65 17.13 -12.79
C ASP B 255 -15.18 17.06 -12.42
N ASN B 256 -14.29 16.98 -13.39
CA ASN B 256 -12.86 16.90 -13.14
C ASN B 256 -12.26 18.19 -12.61
N GLU B 257 -12.90 19.33 -12.90
CA GLU B 257 -12.45 20.62 -12.37
C GLU B 257 -13.11 20.98 -11.06
N LYS B 258 -13.81 20.03 -10.44
CA LYS B 258 -14.44 20.20 -9.15
C LYS B 258 -15.66 21.11 -9.19
N PHE B 259 -16.27 21.28 -10.35
CA PHE B 259 -17.54 21.99 -10.44
C PHE B 259 -18.68 21.01 -10.10
N ALA B 260 -19.55 21.41 -9.20
CA ALA B 260 -20.69 20.60 -8.79
C ALA B 260 -21.81 20.67 -9.84
N TYR B 261 -22.50 19.57 -10.04
CA TYR B 261 -23.67 19.52 -10.90
C TYR B 261 -24.69 18.55 -10.30
N ASN B 262 -25.95 18.74 -10.66
CA ASN B 262 -27.09 18.05 -10.07
C ASN B 262 -27.40 16.73 -10.75
N ILE B 263 -27.39 15.65 -9.99
CA ILE B 263 -27.75 14.33 -10.53
C ILE B 263 -28.88 13.76 -9.67
N ASN B 264 -29.90 14.59 -9.42
CA ASN B 264 -31.02 14.19 -8.58
C ASN B 264 -31.46 12.77 -8.95
N ASN B 265 -31.61 11.92 -7.93
CA ASN B 265 -31.94 10.53 -8.20
C ASN B 265 -33.34 10.19 -7.72
N ASN B 266 -34.20 11.21 -7.62
CA ASN B 266 -35.63 10.97 -7.32
C ASN B 266 -36.22 10.10 -8.41
N GLY B 267 -36.97 9.07 -8.00
CA GLY B 267 -37.50 8.15 -9.05
C GLY B 267 -37.42 6.74 -8.47
N HIS B 268 -37.35 5.74 -9.34
CA HIS B 268 -37.34 4.37 -8.78
C HIS B 268 -36.55 3.46 -9.72
N MET B 269 -36.18 2.31 -9.20
CA MET B 269 -35.51 1.30 -10.01
C MET B 269 -36.21 -0.04 -9.78
N LEU B 270 -36.44 -0.76 -10.86
CA LEU B 270 -37.00 -2.10 -10.79
C LEU B 270 -35.97 -3.05 -11.41
N ARG B 271 -35.58 -4.07 -10.64
CA ARG B 271 -34.58 -5.00 -11.18
C ARG B 271 -35.14 -6.41 -11.08
N ILE B 272 -35.19 -7.08 -12.23
CA ILE B 272 -35.67 -8.47 -12.25
C ILE B 272 -34.54 -9.31 -12.85
N LEU B 273 -34.08 -10.26 -12.07
CA LEU B 273 -32.83 -10.96 -12.38
C LEU B 273 -33.02 -12.45 -12.11
N ASP B 274 -32.46 -13.24 -13.01
CA ASP B 274 -32.40 -14.68 -12.82
C ASP B 274 -31.03 -15.16 -13.31
N HIS B 275 -30.35 -15.91 -12.44
CA HIS B 275 -29.03 -16.43 -12.81
C HIS B 275 -28.80 -17.73 -12.06
N GLY B 276 -27.85 -18.53 -12.58
CA GLY B 276 -27.53 -19.77 -11.89
C GLY B 276 -26.39 -20.49 -12.59
N ALA B 277 -26.20 -21.72 -12.17
CA ALA B 277 -25.11 -22.54 -12.71
C ALA B 277 -25.51 -24.01 -12.54
N ILE B 278 -25.57 -24.71 -13.66
CA ILE B 278 -26.12 -26.07 -13.64
C ILE B 278 -25.18 -27.03 -14.37
N SER B 279 -25.34 -28.31 -14.05
CA SER B 279 -24.55 -29.36 -14.69
C SER B 279 -25.47 -30.22 -15.56
N MET B 280 -24.98 -30.61 -16.72
CA MET B 280 -25.74 -31.45 -17.64
C MET B 280 -24.90 -32.71 -17.93
N GLY B 281 -25.00 -33.70 -17.07
CA GLY B 281 -24.19 -34.91 -17.25
C GLY B 281 -22.90 -34.78 -16.44
N ASP B 282 -21.81 -35.29 -17.00
CA ASP B 282 -20.50 -35.20 -16.34
C ASP B 282 -19.55 -34.34 -17.17
N ASN B 283 -19.97 -33.95 -18.37
CA ASN B 283 -19.10 -33.25 -19.29
C ASN B 283 -19.46 -31.78 -19.47
N TRP B 284 -20.64 -31.36 -19.04
CA TRP B 284 -21.12 -30.01 -19.30
C TRP B 284 -21.53 -29.29 -18.02
N ASP B 285 -20.98 -28.10 -17.84
CA ASP B 285 -21.50 -27.15 -16.86
C ASP B 285 -21.91 -25.89 -17.64
N MET B 286 -22.79 -25.09 -17.02
CA MET B 286 -23.16 -23.83 -17.66
C MET B 286 -23.56 -22.81 -16.62
N MET B 287 -23.09 -21.58 -16.83
CA MET B 287 -23.56 -20.44 -16.05
C MET B 287 -24.48 -19.65 -16.98
N TYR B 288 -25.44 -18.93 -16.40
CA TYR B 288 -26.31 -18.13 -17.28
C TYR B 288 -26.83 -16.96 -16.47
N VAL B 289 -27.17 -15.89 -17.16
CA VAL B 289 -27.83 -14.75 -16.57
C VAL B 289 -28.93 -14.25 -17.57
N GLY B 290 -29.90 -13.62 -16.94
CA GLY B 290 -30.84 -12.77 -17.68
C GLY B 290 -31.32 -11.71 -16.69
N MET B 291 -31.25 -10.45 -17.08
CA MET B 291 -31.67 -9.38 -16.19
C MET B 291 -32.36 -8.27 -16.99
N TYR B 292 -33.32 -7.66 -16.33
CA TYR B 292 -33.98 -6.47 -16.85
C TYR B 292 -33.90 -5.43 -15.73
N GLN B 293 -33.32 -4.28 -16.04
CA GLN B 293 -33.20 -3.27 -14.98
C GLN B 293 -33.67 -1.93 -15.53
N ASP B 294 -34.65 -1.36 -14.83
CA ASP B 294 -35.24 -0.09 -15.28
C ASP B 294 -34.97 0.99 -14.24
N ILE B 295 -34.17 1.99 -14.63
CA ILE B 295 -33.95 3.09 -13.69
C ILE B 295 -34.70 4.31 -14.24
N ASN B 296 -35.78 4.65 -13.57
CA ASN B 296 -36.70 5.69 -13.98
C ASN B 296 -36.54 6.92 -13.07
N TRP B 297 -35.93 7.96 -13.59
CA TRP B 297 -35.69 9.14 -12.75
C TRP B 297 -36.66 10.26 -13.12
N ASP B 298 -36.96 11.13 -12.17
CA ASP B 298 -37.78 12.31 -12.43
C ASP B 298 -37.14 13.27 -13.44
N ASN B 299 -35.83 13.33 -13.51
CA ASN B 299 -35.13 14.19 -14.45
C ASN B 299 -35.03 13.59 -15.83
N ASP B 300 -35.52 12.36 -16.03
CA ASP B 300 -35.47 11.77 -17.36
C ASP B 300 -34.13 11.28 -17.86
N ASN B 301 -33.12 11.18 -17.01
CA ASN B 301 -31.80 10.74 -17.53
C ASN B 301 -31.49 9.31 -17.11
N GLY B 302 -32.53 8.54 -16.78
CA GLY B 302 -32.38 7.15 -16.36
C GLY B 302 -32.01 6.23 -17.51
N THR B 303 -32.16 4.92 -17.29
CA THR B 303 -31.83 3.95 -18.34
C THR B 303 -32.73 2.71 -18.16
N LYS B 304 -32.81 1.94 -19.21
CA LYS B 304 -33.60 0.70 -19.24
C LYS B 304 -32.70 -0.35 -19.89
N TRP B 305 -32.25 -1.31 -19.08
CA TRP B 305 -31.17 -2.20 -19.52
C TRP B 305 -31.61 -3.65 -19.46
N TRP B 306 -31.42 -4.34 -20.57
CA TRP B 306 -31.66 -5.77 -20.69
C TRP B 306 -30.27 -6.43 -20.89
N THR B 307 -30.01 -7.52 -20.21
CA THR B 307 -28.87 -8.35 -20.46
C THR B 307 -29.30 -9.85 -20.48
N VAL B 308 -28.52 -10.61 -21.25
CA VAL B 308 -28.63 -12.05 -21.23
C VAL B 308 -27.30 -12.64 -21.71
N GLY B 309 -26.92 -13.74 -21.03
CA GLY B 309 -25.70 -14.41 -21.54
C GLY B 309 -25.63 -15.81 -20.94
N ILE B 310 -24.82 -16.64 -21.58
CA ILE B 310 -24.58 -17.99 -21.12
C ILE B 310 -23.08 -18.26 -21.18
N ARG B 311 -22.65 -19.18 -20.34
CA ARG B 311 -21.25 -19.61 -20.32
C ARG B 311 -21.16 -21.13 -20.13
N PRO B 312 -21.28 -21.86 -21.23
CA PRO B 312 -21.19 -23.31 -21.20
C PRO B 312 -19.73 -23.73 -21.04
N MET B 313 -19.52 -24.86 -20.38
CA MET B 313 -18.17 -25.41 -20.21
C MET B 313 -18.15 -26.89 -20.57
N TYR B 314 -17.29 -27.27 -21.49
CA TYR B 314 -17.13 -28.65 -21.87
C TYR B 314 -15.86 -29.24 -21.25
N LYS B 315 -16.04 -30.27 -20.41
CA LYS B 315 -14.89 -30.87 -19.71
C LYS B 315 -14.29 -32.03 -20.49
N TRP B 316 -13.18 -31.83 -21.16
CA TRP B 316 -12.50 -32.88 -21.88
C TRP B 316 -11.89 -33.89 -20.91
N THR B 317 -11.44 -33.33 -19.82
CA THR B 317 -10.63 -33.99 -18.79
C THR B 317 -11.03 -33.38 -17.46
N PRO B 318 -10.68 -33.97 -16.34
CA PRO B 318 -10.99 -33.43 -15.04
C PRO B 318 -10.38 -32.07 -14.79
N ILE B 319 -9.30 -31.70 -15.47
CA ILE B 319 -8.64 -30.41 -15.27
C ILE B 319 -8.57 -29.56 -16.52
N MET B 320 -8.95 -30.06 -17.68
CA MET B 320 -8.88 -29.32 -18.92
C MET B 320 -10.26 -29.16 -19.55
N SER B 321 -10.59 -27.91 -19.91
CA SER B 321 -11.92 -27.66 -20.47
C SER B 321 -11.92 -26.62 -21.56
N THR B 322 -13.02 -26.61 -22.30
CA THR B 322 -13.24 -25.58 -23.31
C THR B 322 -14.43 -24.74 -22.82
N VAL B 323 -14.18 -23.46 -22.63
CA VAL B 323 -15.22 -22.58 -22.09
C VAL B 323 -15.59 -21.54 -23.13
N MET B 324 -16.89 -21.28 -23.24
CA MET B 324 -17.35 -20.27 -24.19
C MET B 324 -18.26 -19.32 -23.44
N GLU B 325 -18.21 -18.04 -23.81
CA GLU B 325 -19.16 -17.11 -23.20
C GLU B 325 -19.82 -16.25 -24.28
N ILE B 326 -21.15 -16.18 -24.22
CA ILE B 326 -21.87 -15.33 -25.17
C ILE B 326 -22.74 -14.35 -24.37
N GLY B 327 -22.53 -13.07 -24.56
CA GLY B 327 -23.30 -12.09 -23.78
C GLY B 327 -23.86 -10.96 -24.63
N TYR B 328 -25.07 -10.55 -24.30
CA TYR B 328 -25.74 -9.48 -25.07
C TYR B 328 -26.25 -8.40 -24.13
N ASP B 329 -25.98 -7.16 -24.49
CA ASP B 329 -26.49 -6.01 -23.73
C ASP B 329 -27.32 -5.12 -24.66
N ASN B 330 -28.35 -4.54 -24.11
CA ASN B 330 -29.19 -3.57 -24.80
C ASN B 330 -29.61 -2.49 -23.79
N VAL B 331 -29.15 -1.26 -24.02
CA VAL B 331 -29.49 -0.17 -23.11
C VAL B 331 -30.19 0.97 -23.86
N GLU B 332 -31.31 1.37 -23.27
CA GLU B 332 -32.12 2.46 -23.81
C GLU B 332 -32.01 3.67 -22.90
N SER B 333 -31.68 4.82 -23.48
CA SER B 333 -31.69 6.04 -22.69
C SER B 333 -33.12 6.45 -22.39
N GLN B 334 -33.42 6.81 -21.16
CA GLN B 334 -34.75 7.32 -20.84
C GLN B 334 -34.97 8.68 -21.52
N ARG B 335 -33.91 9.49 -21.60
CA ARG B 335 -33.98 10.83 -22.10
C ARG B 335 -34.32 10.90 -23.58
N THR B 336 -33.63 10.14 -24.42
CA THR B 336 -33.74 10.27 -25.85
C THR B 336 -34.49 9.11 -26.49
N GLY B 337 -34.58 7.98 -25.81
CA GLY B 337 -35.15 6.76 -26.39
C GLY B 337 -34.23 6.05 -27.36
N ASP B 338 -33.01 6.51 -27.59
CA ASP B 338 -32.04 5.77 -28.37
C ASP B 338 -31.59 4.50 -27.63
N LYS B 339 -31.00 3.58 -28.37
CA LYS B 339 -30.61 2.29 -27.86
C LYS B 339 -29.14 2.01 -28.17
N ASN B 340 -28.44 1.46 -27.19
CA ASN B 340 -27.08 0.99 -27.36
C ASN B 340 -27.08 -0.54 -27.19
N ASN B 341 -26.43 -1.24 -28.11
CA ASN B 341 -26.39 -2.68 -27.94
C ASN B 341 -25.00 -3.22 -28.27
N GLN B 342 -24.76 -4.42 -27.74
CA GLN B 342 -23.49 -5.11 -27.96
C GLN B 342 -23.71 -6.62 -27.73
N TYR B 343 -23.04 -7.40 -28.56
CA TYR B 343 -22.93 -8.83 -28.30
C TYR B 343 -21.43 -9.17 -28.26
N LYS B 344 -21.09 -9.97 -27.27
CA LYS B 344 -19.70 -10.39 -27.09
C LYS B 344 -19.62 -11.92 -27.12
N ILE B 345 -18.64 -12.43 -27.84
CA ILE B 345 -18.43 -13.86 -27.92
C ILE B 345 -16.97 -14.18 -27.55
N THR B 346 -16.82 -15.07 -26.57
CA THR B 346 -15.50 -15.51 -26.16
C THR B 346 -15.36 -17.02 -26.23
N LEU B 347 -14.22 -17.47 -26.72
CA LEU B 347 -13.82 -18.86 -26.73
C LEU B 347 -12.54 -19.01 -25.88
N ALA B 348 -12.53 -19.95 -24.93
CA ALA B 348 -11.31 -20.15 -24.16
C ALA B 348 -11.00 -21.63 -23.97
N GLN B 349 -9.70 -21.91 -23.99
CA GLN B 349 -9.19 -23.18 -23.51
C GLN B 349 -8.69 -22.98 -22.08
N GLN B 350 -9.06 -23.87 -21.17
CA GLN B 350 -8.78 -23.65 -19.77
C GLN B 350 -8.27 -24.87 -19.03
N TRP B 351 -7.34 -24.60 -18.12
CA TRP B 351 -6.84 -25.60 -17.17
C TRP B 351 -7.24 -25.14 -15.78
N GLN B 352 -8.01 -25.94 -15.04
CA GLN B 352 -8.46 -25.50 -13.73
C GLN B 352 -8.32 -26.59 -12.68
N ALA B 353 -8.32 -26.18 -11.41
CA ALA B 353 -8.10 -27.06 -10.27
C ALA B 353 -9.39 -27.72 -9.79
N GLY B 354 -9.89 -28.69 -10.55
CA GLY B 354 -11.19 -29.29 -10.17
C GLY B 354 -12.02 -29.40 -11.44
N ASP B 355 -13.17 -30.06 -11.38
CA ASP B 355 -13.90 -30.29 -12.64
C ASP B 355 -15.20 -29.50 -12.68
N SER B 356 -15.26 -28.42 -11.91
CA SER B 356 -16.44 -27.57 -11.90
C SER B 356 -16.18 -26.26 -12.60
N ILE B 357 -17.27 -25.58 -12.98
CA ILE B 357 -17.18 -24.26 -13.61
C ILE B 357 -16.89 -23.20 -12.55
N TRP B 358 -17.07 -23.56 -11.27
CA TRP B 358 -16.68 -22.83 -10.11
C TRP B 358 -15.25 -23.13 -9.66
N SER B 359 -14.56 -24.11 -10.26
CA SER B 359 -13.23 -24.48 -9.78
C SER B 359 -12.20 -23.40 -10.04
N ARG B 360 -11.43 -23.02 -9.02
CA ARG B 360 -10.33 -22.05 -9.18
C ARG B 360 -9.12 -22.58 -8.42
N PRO B 361 -7.91 -22.28 -8.83
CA PRO B 361 -7.61 -21.40 -9.93
C PRO B 361 -7.87 -21.97 -11.31
N ALA B 362 -7.87 -21.03 -12.26
CA ALA B 362 -8.07 -21.36 -13.65
C ALA B 362 -7.04 -20.59 -14.47
N ILE B 363 -6.40 -21.27 -15.41
CA ILE B 363 -5.53 -20.59 -16.39
C ILE B 363 -6.22 -20.69 -17.75
N ARG B 364 -6.51 -19.55 -18.35
CA ARG B 364 -7.21 -19.47 -19.61
C ARG B 364 -6.37 -18.94 -20.75
N VAL B 365 -6.61 -19.50 -21.94
CA VAL B 365 -6.12 -18.91 -23.19
C VAL B 365 -7.38 -18.61 -24.03
N PHE B 366 -7.57 -17.36 -24.43
CA PHE B 366 -8.86 -16.99 -25.01
C PHE B 366 -8.75 -16.16 -26.27
N ALA B 367 -9.90 -16.01 -26.93
CA ALA B 367 -10.08 -15.12 -28.06
C ALA B 367 -11.50 -14.54 -27.88
N THR B 368 -11.60 -13.22 -28.01
CA THR B 368 -12.86 -12.54 -27.78
C THR B 368 -13.24 -11.69 -28.99
N TYR B 369 -14.53 -11.74 -29.32
CA TYR B 369 -15.04 -10.90 -30.41
C TYR B 369 -16.23 -10.10 -29.88
N ALA B 370 -16.21 -8.80 -30.10
CA ALA B 370 -17.36 -7.98 -29.69
C ALA B 370 -17.84 -7.14 -30.89
N LYS B 371 -19.12 -6.96 -31.01
CA LYS B 371 -19.71 -6.08 -32.02
C LYS B 371 -20.74 -5.18 -31.35
N TRP B 372 -20.57 -3.87 -31.53
CA TRP B 372 -21.50 -2.98 -30.83
C TRP B 372 -22.07 -1.94 -31.79
N ASP B 373 -23.14 -1.32 -31.35
CA ASP B 373 -23.87 -0.32 -32.14
C ASP B 373 -24.49 0.66 -31.16
N GLU B 374 -23.81 1.79 -30.97
CA GLU B 374 -24.30 2.74 -29.97
C GLU B 374 -24.85 4.00 -30.62
N LYS B 375 -26.12 4.29 -30.32
CA LYS B 375 -26.81 5.45 -30.88
C LYS B 375 -26.90 6.58 -29.88
N TRP B 376 -26.35 6.36 -28.68
CA TRP B 376 -26.33 7.45 -27.71
C TRP B 376 -25.13 7.32 -26.77
N GLY B 377 -24.85 8.41 -26.06
CA GLY B 377 -23.78 8.45 -25.10
C GLY B 377 -24.00 9.61 -24.14
N TYR B 378 -23.20 9.64 -23.09
CA TYR B 378 -23.28 10.70 -22.08
C TYR B 378 -22.40 11.86 -22.52
N ASP B 379 -22.91 13.08 -22.35
CA ASP B 379 -22.11 14.25 -22.73
C ASP B 379 -21.22 14.67 -21.57
N TYR B 380 -19.92 14.37 -21.69
CA TYR B 380 -18.96 14.77 -20.66
C TYR B 380 -17.95 15.77 -21.22
N THR B 381 -18.33 16.49 -22.28
CA THR B 381 -17.49 17.51 -22.87
C THR B 381 -17.55 18.81 -22.08
N GLY B 382 -16.51 19.63 -22.22
CA GLY B 382 -16.42 20.86 -21.44
C GLY B 382 -16.31 20.47 -19.95
N ASN B 383 -17.00 21.23 -19.13
CA ASN B 383 -17.12 20.97 -17.70
C ASN B 383 -18.54 21.36 -17.30
N ALA B 384 -18.96 21.02 -16.10
CA ALA B 384 -20.31 21.33 -15.64
C ALA B 384 -20.60 22.82 -15.59
N ASP B 385 -19.61 23.69 -15.49
CA ASP B 385 -19.82 25.13 -15.54
C ASP B 385 -20.09 25.64 -16.95
N ASN B 386 -19.37 25.15 -17.95
CA ASN B 386 -19.56 25.59 -19.33
C ASN B 386 -20.79 24.94 -19.98
N ASN B 387 -21.06 23.70 -19.58
CA ASN B 387 -21.96 22.84 -20.35
C ASN B 387 -23.19 22.47 -19.57
N ALA B 388 -24.33 22.98 -20.04
CA ALA B 388 -25.61 22.74 -19.36
C ALA B 388 -26.03 21.28 -19.46
N ASN B 389 -25.58 20.57 -20.49
CA ASN B 389 -25.92 19.18 -20.67
C ASN B 389 -24.95 18.23 -19.99
N PHE B 390 -23.96 18.71 -19.26
CA PHE B 390 -22.94 17.85 -18.67
C PHE B 390 -23.58 16.64 -17.99
N GLY B 391 -23.24 15.43 -18.42
CA GLY B 391 -23.77 14.24 -17.79
C GLY B 391 -25.08 13.75 -18.35
N LYS B 392 -25.66 14.40 -19.34
CA LYS B 392 -26.95 13.95 -19.86
C LYS B 392 -26.74 12.97 -21.02
N ALA B 393 -27.67 12.02 -21.13
CA ALA B 393 -27.63 11.15 -22.31
C ALA B 393 -27.85 12.03 -23.54
N VAL B 394 -27.25 11.67 -24.65
CA VAL B 394 -27.28 12.52 -25.85
C VAL B 394 -27.10 11.65 -27.07
N PRO B 395 -27.80 11.95 -28.15
CA PRO B 395 -27.71 11.17 -29.37
C PRO B 395 -26.25 11.08 -29.78
N ALA B 396 -25.86 10.05 -30.52
CA ALA B 396 -24.48 9.88 -30.92
C ALA B 396 -23.88 11.04 -31.68
N ASP B 397 -24.66 11.75 -32.49
CA ASP B 397 -24.11 12.81 -33.33
C ASP B 397 -24.48 14.21 -32.85
N PHE B 398 -24.98 14.33 -31.63
CA PHE B 398 -25.41 15.58 -31.06
C PHE B 398 -24.43 16.72 -31.34
N ASN B 399 -24.94 17.78 -31.93
CA ASN B 399 -24.22 19.00 -32.25
C ASN B 399 -22.95 18.76 -33.05
N GLY B 400 -22.95 17.79 -33.95
CA GLY B 400 -21.79 17.46 -34.74
C GLY B 400 -20.69 16.73 -33.99
N GLY B 401 -20.91 16.37 -32.74
CA GLY B 401 -19.91 15.66 -31.95
C GLY B 401 -20.06 14.16 -32.12
N SER B 402 -19.33 13.39 -31.33
CA SER B 402 -19.46 11.93 -31.34
C SER B 402 -19.55 11.43 -29.90
N PHE B 403 -20.67 10.79 -29.58
CA PHE B 403 -20.94 10.36 -28.21
C PHE B 403 -21.23 8.88 -28.21
N GLY B 404 -20.72 8.17 -27.19
CA GLY B 404 -20.88 6.69 -27.19
C GLY B 404 -19.78 6.09 -28.06
N ARG B 405 -19.79 4.77 -28.24
CA ARG B 405 -18.68 4.11 -28.91
C ARG B 405 -18.89 3.86 -30.39
N GLY B 406 -19.96 4.36 -30.99
CA GLY B 406 -20.12 4.22 -32.43
C GLY B 406 -20.64 2.84 -32.82
N ASP B 407 -20.33 2.46 -34.03
CA ASP B 407 -20.87 1.27 -34.68
C ASP B 407 -19.69 0.46 -35.20
N SER B 408 -19.23 -0.51 -34.41
CA SER B 408 -17.96 -1.12 -34.78
C SER B 408 -17.79 -2.50 -34.16
N ASP B 409 -16.62 -3.04 -34.39
CA ASP B 409 -16.18 -4.39 -34.18
C ASP B 409 -14.81 -4.41 -33.49
N GLU B 410 -14.46 -5.53 -32.87
CA GLU B 410 -13.05 -5.67 -32.44
C GLU B 410 -12.85 -7.07 -31.88
N TRP B 411 -11.61 -7.56 -31.97
CA TRP B 411 -11.33 -8.86 -31.39
C TRP B 411 -10.08 -8.78 -30.53
N THR B 412 -10.07 -9.55 -29.45
CA THR B 412 -8.90 -9.57 -28.58
C THR B 412 -8.54 -11.04 -28.30
N PHE B 413 -7.33 -11.26 -27.81
CA PHE B 413 -6.87 -12.57 -27.44
C PHE B 413 -5.83 -12.43 -26.32
N GLY B 414 -5.57 -13.53 -25.62
CA GLY B 414 -4.53 -13.51 -24.60
C GLY B 414 -4.64 -14.70 -23.64
N ALA B 415 -3.99 -14.52 -22.50
CA ALA B 415 -3.95 -15.53 -21.44
C ALA B 415 -4.20 -14.84 -20.10
N GLN B 416 -4.81 -15.57 -19.17
CA GLN B 416 -5.19 -14.98 -17.91
C GLN B 416 -5.36 -16.04 -16.83
N MET B 417 -5.04 -15.67 -15.58
CA MET B 417 -5.37 -16.56 -14.47
C MET B 417 -6.49 -15.89 -13.68
N GLU B 418 -7.32 -16.68 -13.03
CA GLU B 418 -8.24 -16.18 -12.03
C GLU B 418 -8.22 -17.15 -10.85
N ILE B 419 -8.27 -16.63 -9.63
CA ILE B 419 -8.24 -17.53 -8.48
C ILE B 419 -8.97 -16.90 -7.31
N TRP B 420 -9.68 -17.72 -6.54
CA TRP B 420 -10.12 -17.37 -5.20
C TRP B 420 -9.64 -18.52 -4.30
N TRP B 421 -9.23 -18.18 -3.09
CA TRP B 421 -8.71 -19.22 -2.19
C TRP B 421 -9.09 -18.80 -0.79
N VAL C 1 5.21 -18.55 9.61
CA VAL C 1 5.05 -17.08 9.62
C VAL C 1 4.24 -16.65 10.83
N ASP C 2 4.76 -15.69 11.60
CA ASP C 2 3.99 -15.13 12.72
C ASP C 2 3.21 -13.90 12.24
N PHE C 3 1.93 -13.86 12.55
CA PHE C 3 1.02 -12.84 12.16
C PHE C 3 0.63 -12.06 13.42
N HIS C 4 1.02 -10.80 13.54
CA HIS C 4 0.74 -10.01 14.72
C HIS C 4 0.33 -8.61 14.31
N GLY C 5 -0.21 -7.83 15.24
CA GLY C 5 -0.53 -6.45 14.87
C GLY C 5 -1.47 -5.80 15.87
N TYR C 6 -2.08 -4.73 15.40
CA TYR C 6 -3.04 -3.94 16.13
C TYR C 6 -4.09 -3.46 15.14
N ALA C 7 -5.35 -3.40 15.51
CA ALA C 7 -6.37 -2.78 14.66
C ALA C 7 -7.55 -2.23 15.46
N ARG C 8 -8.17 -1.19 14.93
CA ARG C 8 -9.42 -0.66 15.46
C ARG C 8 -10.28 -0.21 14.28
N SER C 9 -11.58 -0.44 14.37
CA SER C 9 -12.48 -0.08 13.27
C SER C 9 -13.91 -0.05 13.80
N GLY C 10 -14.69 0.92 13.36
CA GLY C 10 -16.07 1.00 13.84
C GLY C 10 -16.93 1.92 13.02
N ILE C 11 -18.09 2.20 13.59
CA ILE C 11 -19.07 3.09 12.96
C ILE C 11 -19.71 3.91 14.08
N GLY C 12 -19.92 5.20 13.81
CA GLY C 12 -20.37 6.07 14.88
C GLY C 12 -21.21 7.21 14.34
N TRP C 13 -21.97 7.83 15.23
CA TRP C 13 -22.89 8.90 14.88
C TRP C 13 -22.72 10.06 15.85
N THR C 14 -22.90 11.28 15.36
CA THR C 14 -22.89 12.45 16.26
C THR C 14 -24.33 12.79 16.58
N GLY C 15 -24.64 13.04 17.84
CA GLY C 15 -26.00 13.34 18.31
C GLY C 15 -26.67 14.44 17.55
N SER C 16 -25.97 15.54 17.26
CA SER C 16 -26.56 16.63 16.49
C SER C 16 -26.54 16.36 14.98
N GLY C 17 -26.03 15.23 14.51
CA GLY C 17 -26.05 14.95 13.09
C GLY C 17 -24.71 14.57 12.51
N GLY C 18 -24.74 13.74 11.46
CA GLY C 18 -23.56 13.33 10.74
C GLY C 18 -22.79 12.25 11.50
N GLU C 19 -21.67 11.89 10.91
CA GLU C 19 -20.81 10.82 11.39
C GLU C 19 -20.16 11.19 12.73
N GLN C 20 -19.71 10.19 13.46
CA GLN C 20 -19.04 10.39 14.73
C GLN C 20 -18.01 11.52 14.67
N GLN C 21 -17.91 12.28 15.75
CA GLN C 21 -16.89 13.33 15.85
C GLN C 21 -16.06 12.99 17.09
N CYS C 22 -14.79 13.32 17.08
CA CYS C 22 -13.91 12.95 18.19
C CYS C 22 -13.42 14.22 18.87
N PHE C 23 -13.22 14.17 20.17
CA PHE C 23 -13.06 15.33 21.02
C PHE C 23 -11.71 15.35 21.72
N GLN C 24 -10.90 16.30 21.33
CA GLN C 24 -9.57 16.53 21.85
C GLN C 24 -9.43 18.02 22.22
N THR C 25 -8.84 18.29 23.36
CA THR C 25 -8.61 19.66 23.82
C THR C 25 -7.54 20.35 23.02
N THR C 26 -7.85 21.56 22.53
CA THR C 26 -6.80 22.35 21.85
C THR C 26 -5.64 22.58 22.80
N GLY C 27 -4.46 22.15 22.42
CA GLY C 27 -3.26 22.26 23.22
C GLY C 27 -2.87 20.94 23.88
N ALA C 28 -3.81 20.01 24.03
CA ALA C 28 -3.42 18.70 24.61
C ALA C 28 -2.83 17.82 23.53
N GLN C 29 -1.92 16.93 23.87
CA GLN C 29 -1.30 16.04 22.90
C GLN C 29 -1.99 14.68 22.83
N SER C 30 -3.15 14.54 23.46
CA SER C 30 -3.86 13.27 23.46
C SER C 30 -5.34 13.49 23.74
N LYS C 31 -6.13 12.43 23.63
CA LYS C 31 -7.54 12.48 23.99
C LYS C 31 -7.88 11.14 24.69
N TYR C 32 -8.93 11.11 25.48
CA TYR C 32 -9.42 9.89 26.10
C TYR C 32 -10.12 9.07 25.03
N ARG C 33 -9.51 7.94 24.69
CA ARG C 33 -9.84 7.23 23.46
C ARG C 33 -11.13 6.45 23.46
N LEU C 34 -11.60 5.91 24.60
CA LEU C 34 -12.80 5.06 24.58
C LEU C 34 -14.00 5.80 23.97
N GLY C 35 -14.58 5.25 22.93
CA GLY C 35 -15.74 5.87 22.27
C GLY C 35 -15.38 7.24 21.71
N ASN C 36 -14.12 7.41 21.30
CA ASN C 36 -13.60 8.72 20.91
C ASN C 36 -12.44 8.52 19.93
N GLU C 37 -12.61 7.57 19.03
CA GLU C 37 -11.65 7.23 18.00
C GLU C 37 -12.36 7.23 16.64
N CYS C 38 -11.91 8.08 15.73
CA CYS C 38 -12.63 8.37 14.50
C CYS C 38 -11.97 7.85 13.24
N GLU C 39 -11.17 6.79 13.32
CA GLU C 39 -10.57 6.27 12.09
C GLU C 39 -10.38 4.76 12.22
N THR C 40 -10.23 4.10 11.07
CA THR C 40 -9.83 2.70 11.09
C THR C 40 -8.30 2.72 10.99
N TYR C 41 -7.65 2.16 11.98
CA TYR C 41 -6.19 2.13 12.01
C TYR C 41 -5.74 0.67 12.21
N ALA C 42 -4.84 0.20 11.35
CA ALA C 42 -4.37 -1.16 11.43
C ALA C 42 -2.88 -1.29 11.15
N GLU C 43 -2.20 -2.09 11.96
CA GLU C 43 -0.83 -2.50 11.73
C GLU C 43 -0.80 -4.02 11.48
N LEU C 44 -0.31 -4.40 10.31
CA LEU C 44 -0.23 -5.82 9.96
C LEU C 44 1.24 -6.24 9.99
N LYS C 45 1.58 -7.07 10.97
CA LYS C 45 2.96 -7.51 11.13
C LYS C 45 3.12 -8.97 10.70
N LEU C 46 4.10 -9.21 9.84
CA LEU C 46 4.47 -10.57 9.45
C LEU C 46 5.95 -10.76 9.81
N GLY C 47 6.22 -11.75 10.64
CA GLY C 47 7.60 -11.96 11.08
C GLY C 47 7.89 -13.47 11.05
N GLN C 48 9.16 -13.79 11.23
CA GLN C 48 9.58 -15.18 11.24
C GLN C 48 10.94 -15.34 11.91
N GLU C 49 11.04 -16.39 12.70
CA GLU C 49 12.35 -16.82 13.20
C GLU C 49 13.01 -17.57 12.04
N VAL C 50 13.99 -16.98 11.38
CA VAL C 50 14.45 -17.59 10.12
C VAL C 50 15.61 -18.52 10.32
N TRP C 51 16.22 -18.52 11.51
CA TRP C 51 17.38 -19.38 11.74
C TRP C 51 17.54 -19.51 13.25
N LYS C 52 17.80 -20.74 13.66
CA LYS C 52 17.97 -21.05 15.07
C LYS C 52 18.90 -22.24 15.25
N GLU C 53 19.96 -22.05 16.02
CA GLU C 53 20.87 -23.12 16.39
C GLU C 53 21.14 -23.04 17.88
N GLY C 54 20.56 -23.99 18.62
CA GLY C 54 20.66 -23.95 20.08
C GLY C 54 20.00 -22.70 20.65
N ASP C 55 20.78 -21.91 21.35
CA ASP C 55 20.36 -20.68 22.00
C ASP C 55 20.35 -19.47 21.05
N LYS C 56 21.01 -19.62 19.91
CA LYS C 56 21.22 -18.50 18.99
C LYS C 56 20.08 -18.46 17.98
N SER C 57 19.58 -17.24 17.66
CA SER C 57 18.58 -17.14 16.61
C SER C 57 18.60 -15.76 15.93
N PHE C 58 17.95 -15.73 14.77
CA PHE C 58 17.71 -14.50 14.03
C PHE C 58 16.19 -14.41 13.81
N TYR C 59 15.62 -13.27 14.20
CA TYR C 59 14.21 -13.02 13.99
C TYR C 59 14.02 -11.86 13.02
N PHE C 60 13.16 -12.02 12.04
CA PHE C 60 12.87 -11.00 11.05
C PHE C 60 11.44 -10.50 11.29
N ASP C 61 11.26 -9.19 11.30
CA ASP C 61 9.96 -8.60 11.61
C ASP C 61 9.62 -7.43 10.69
N THR C 62 8.35 -7.27 10.36
CA THR C 62 7.85 -6.22 9.48
C THR C 62 6.60 -5.57 10.08
N ASN C 63 6.22 -4.41 9.55
CA ASN C 63 5.02 -3.72 9.98
C ASN C 63 4.55 -2.74 8.90
N VAL C 64 3.37 -2.95 8.37
CA VAL C 64 2.74 -2.12 7.35
C VAL C 64 1.49 -1.54 8.02
N ALA C 65 1.38 -0.22 8.09
CA ALA C 65 0.27 0.42 8.79
C ALA C 65 -0.63 1.17 7.82
N TYR C 66 -1.92 1.11 8.06
CA TYR C 66 -2.99 1.68 7.29
C TYR C 66 -3.87 2.55 8.20
N SER C 67 -4.18 3.74 7.72
CA SER C 67 -5.09 4.61 8.44
C SER C 67 -6.14 5.16 7.49
N VAL C 68 -7.39 4.75 7.60
CA VAL C 68 -8.39 5.29 6.64
C VAL C 68 -9.54 5.92 7.39
N ALA C 69 -10.34 6.73 6.71
CA ALA C 69 -11.41 7.50 7.35
C ALA C 69 -12.62 6.69 7.72
N GLN C 70 -12.73 5.41 7.37
CA GLN C 70 -13.88 4.57 7.66
C GLN C 70 -15.18 5.31 7.36
N GLN C 71 -15.31 5.79 6.13
CA GLN C 71 -16.57 6.41 5.72
C GLN C 71 -17.08 5.70 4.48
N ASN C 72 -16.25 4.78 3.96
CA ASN C 72 -16.62 4.08 2.73
C ASN C 72 -15.91 2.72 2.67
N ASP C 73 -16.35 1.90 1.73
CA ASP C 73 -15.78 0.58 1.52
C ASP C 73 -14.40 0.72 0.88
N TRP C 74 -14.38 1.17 -0.37
CA TRP C 74 -13.13 1.36 -1.08
C TRP C 74 -12.42 2.60 -0.59
N GLU C 75 -11.44 2.46 0.29
CA GLU C 75 -10.68 3.61 0.77
C GLU C 75 -9.19 3.40 0.45
N ALA C 76 -8.76 4.01 -0.62
CA ALA C 76 -7.40 3.96 -1.11
C ALA C 76 -6.52 4.81 -0.19
N THR C 77 -5.33 4.35 0.12
CA THR C 77 -4.50 5.07 1.08
C THR C 77 -3.02 4.76 0.81
N ASP C 78 -2.11 5.55 1.38
CA ASP C 78 -0.69 5.27 1.35
C ASP C 78 -0.32 4.57 2.68
N PRO C 79 -0.04 3.28 2.59
CA PRO C 79 0.34 2.55 3.79
C PRO C 79 1.71 3.07 4.24
N ALA C 80 1.93 3.07 5.55
CA ALA C 80 3.24 3.44 6.07
C ALA C 80 4.05 2.18 6.29
N PHE C 81 5.25 2.14 5.74
CA PHE C 81 6.10 0.95 5.94
C PHE C 81 6.95 1.25 7.18
N ARG C 82 6.45 0.87 8.34
CA ARG C 82 7.06 1.31 9.60
C ARG C 82 8.15 0.42 10.14
N GLU C 83 8.08 -0.91 9.98
CA GLU C 83 9.12 -1.79 10.52
C GLU C 83 9.63 -2.78 9.49
N ALA C 84 10.92 -3.02 9.52
CA ALA C 84 11.64 -4.02 8.74
C ALA C 84 13.02 -4.16 9.40
N ASN C 85 13.17 -5.17 10.26
CA ASN C 85 14.42 -5.26 11.02
C ASN C 85 14.75 -6.71 11.32
N VAL C 86 16.02 -6.97 11.57
CA VAL C 86 16.47 -8.30 11.98
C VAL C 86 17.08 -8.18 13.37
N GLN C 87 16.73 -9.12 14.23
CA GLN C 87 17.23 -9.21 15.60
C GLN C 87 18.05 -10.48 15.79
N GLY C 88 19.32 -10.32 16.11
CA GLY C 88 20.23 -11.47 16.26
C GLY C 88 20.43 -11.70 17.76
N LYS C 89 19.88 -12.78 18.29
CA LYS C 89 19.95 -12.99 19.73
C LYS C 89 20.96 -14.04 20.15
N ASN C 90 21.75 -13.71 21.17
CA ASN C 90 22.75 -14.61 21.72
C ASN C 90 23.88 -14.91 20.75
N LEU C 91 24.30 -13.91 19.98
CA LEU C 91 25.33 -14.17 18.96
C LEU C 91 26.69 -13.79 19.51
N ILE C 92 26.69 -12.94 20.54
CA ILE C 92 27.96 -12.51 21.14
C ILE C 92 28.22 -13.24 22.45
N GLU C 93 29.15 -14.18 22.43
CA GLU C 93 29.41 -15.08 23.55
C GLU C 93 29.71 -14.34 24.85
N TRP C 94 30.49 -13.27 24.79
CA TRP C 94 30.85 -12.51 25.98
C TRP C 94 29.76 -11.60 26.48
N LEU C 95 28.61 -11.52 25.82
CA LEU C 95 27.45 -10.78 26.28
C LEU C 95 26.19 -11.64 26.16
N PRO C 96 26.08 -12.67 26.99
CA PRO C 96 24.98 -13.61 26.92
C PRO C 96 23.63 -12.95 27.08
N GLY C 97 22.66 -13.40 26.27
CA GLY C 97 21.30 -12.95 26.33
C GLY C 97 21.05 -11.66 25.56
N SER C 98 22.08 -10.99 25.07
CA SER C 98 21.93 -9.69 24.44
C SER C 98 21.57 -9.83 22.96
N THR C 99 20.89 -8.81 22.43
CA THR C 99 20.45 -8.82 21.04
C THR C 99 21.11 -7.71 20.24
N ILE C 100 21.57 -8.05 19.06
CA ILE C 100 22.04 -7.05 18.11
C ILE C 100 20.94 -6.89 17.04
N TRP C 101 20.67 -5.65 16.65
CA TRP C 101 19.63 -5.44 15.66
C TRP C 101 19.93 -4.23 14.77
N ALA C 102 19.29 -4.21 13.62
CA ALA C 102 19.31 -3.11 12.69
C ALA C 102 18.06 -3.15 11.82
N GLY C 103 17.59 -1.98 11.41
CA GLY C 103 16.44 -1.86 10.54
C GLY C 103 15.42 -0.93 11.19
N LYS C 104 14.28 -0.75 10.53
CA LYS C 104 13.25 0.13 11.10
C LYS C 104 12.52 -0.69 12.17
N ARG C 105 12.41 -0.12 13.36
CA ARG C 105 11.86 -0.88 14.48
C ARG C 105 11.11 -0.01 15.48
N PHE C 106 10.04 -0.55 16.01
CA PHE C 106 9.35 0.04 17.17
C PHE C 106 10.20 -0.32 18.41
N TYR C 107 11.07 0.58 18.85
CA TYR C 107 12.04 0.24 19.87
C TYR C 107 11.55 0.56 21.28
N GLN C 108 11.25 -0.47 22.04
CA GLN C 108 10.91 -0.33 23.46
C GLN C 108 10.10 0.91 23.75
N ARG C 109 8.89 0.97 23.22
CA ARG C 109 8.02 2.13 23.34
C ARG C 109 7.28 2.10 24.67
N HIS C 110 7.09 3.26 25.30
CA HIS C 110 6.32 3.33 26.55
C HIS C 110 5.10 4.21 26.29
N ASP C 111 3.90 3.65 26.50
CA ASP C 111 2.69 4.42 26.26
C ASP C 111 1.69 4.28 27.41
N VAL C 112 0.69 5.12 27.43
CA VAL C 112 -0.45 5.04 28.32
C VAL C 112 -1.63 4.65 27.44
N HIS C 113 -2.08 3.40 27.52
CA HIS C 113 -3.12 2.92 26.65
C HIS C 113 -4.31 3.85 26.54
N MET C 114 -4.93 4.26 27.64
CA MET C 114 -6.25 4.89 27.60
C MET C 114 -6.30 6.25 26.95
N ILE C 115 -5.17 6.97 26.89
CA ILE C 115 -5.13 8.21 26.14
C ILE C 115 -4.27 8.05 24.89
N ASP C 116 -3.93 6.81 24.57
CA ASP C 116 -3.11 6.49 23.40
C ASP C 116 -1.92 7.42 23.29
N PHE C 117 -1.14 7.56 24.34
CA PHE C 117 -0.10 8.57 24.42
C PHE C 117 1.26 7.91 24.66
N TYR C 118 2.15 8.06 23.70
CA TYR C 118 3.50 7.54 23.84
C TYR C 118 4.39 8.61 24.47
N TYR C 119 5.05 8.24 25.57
CA TYR C 119 5.85 9.21 26.30
C TYR C 119 7.32 8.94 26.12
N TRP C 120 7.63 7.74 25.61
CA TRP C 120 9.04 7.40 25.37
C TRP C 120 9.11 6.55 24.11
N ASP C 121 9.35 7.21 22.99
CA ASP C 121 9.31 6.53 21.69
C ASP C 121 10.34 7.06 20.73
N ILE C 122 11.42 6.31 20.50
CA ILE C 122 12.46 6.77 19.59
C ILE C 122 12.46 5.97 18.29
N SER C 123 11.37 5.28 18.06
CA SER C 123 11.24 4.37 16.93
C SER C 123 11.63 5.03 15.60
N GLY C 124 12.21 4.24 14.74
CA GLY C 124 12.50 4.64 13.36
C GLY C 124 13.58 3.70 12.85
N PRO C 125 14.21 4.12 11.77
CA PRO C 125 15.40 3.45 11.30
C PRO C 125 16.45 3.50 12.40
N GLY C 126 17.13 2.39 12.66
CA GLY C 126 18.14 2.39 13.69
C GLY C 126 18.94 1.10 13.78
N ALA C 127 19.73 1.03 14.85
CA ALA C 127 20.51 -0.15 15.17
C ALA C 127 20.92 -0.08 16.65
N GLY C 128 21.27 -1.23 17.23
CA GLY C 128 21.65 -1.17 18.64
C GLY C 128 22.08 -2.52 19.19
N LEU C 129 22.43 -2.50 20.46
CA LEU C 129 22.85 -3.67 21.23
C LEU C 129 22.04 -3.63 22.52
N GLU C 130 21.12 -4.57 22.62
CA GLU C 130 20.04 -4.57 23.58
C GLU C 130 20.27 -5.63 24.67
N ASN C 131 19.75 -5.33 25.85
CA ASN C 131 19.72 -6.28 26.95
C ASN C 131 21.06 -6.82 27.37
N ILE C 132 22.04 -5.94 27.59
CA ILE C 132 23.33 -6.41 28.11
C ILE C 132 23.17 -6.68 29.61
N ASP C 133 23.45 -7.91 30.02
CA ASP C 133 23.31 -8.27 31.44
C ASP C 133 24.44 -7.62 32.24
N VAL C 134 24.05 -6.72 33.13
CA VAL C 134 25.08 -5.89 33.80
C VAL C 134 25.08 -6.20 35.29
N GLY C 135 24.45 -7.33 35.64
CA GLY C 135 24.38 -7.84 36.99
C GLY C 135 23.19 -7.34 37.76
N PHE C 136 23.17 -6.04 38.05
CA PHE C 136 22.05 -5.46 38.80
C PHE C 136 20.98 -4.88 37.88
N GLY C 137 21.06 -5.15 36.58
CA GLY C 137 20.11 -4.66 35.61
C GLY C 137 20.48 -4.97 34.17
N LYS C 138 19.62 -4.50 33.27
CA LYS C 138 19.82 -4.68 31.84
C LYS C 138 20.12 -3.34 31.18
N LEU C 139 21.21 -3.30 30.44
CA LEU C 139 21.67 -2.12 29.73
C LEU C 139 21.37 -2.24 28.23
N SER C 140 20.88 -1.18 27.64
CA SER C 140 20.58 -1.17 26.21
C SER C 140 21.12 0.10 25.56
N LEU C 141 21.77 -0.05 24.43
CA LEU C 141 22.27 1.07 23.63
C LEU C 141 21.61 1.07 22.24
N ALA C 142 21.20 2.23 21.75
CA ALA C 142 20.62 2.33 20.43
C ALA C 142 20.85 3.70 19.81
N ALA C 143 20.86 3.71 18.49
CA ALA C 143 20.87 4.96 17.71
C ALA C 143 19.74 4.90 16.69
N THR C 144 18.88 5.89 16.63
CA THR C 144 17.79 5.94 15.67
C THR C 144 17.78 7.27 14.93
N ARG C 145 17.02 7.33 13.83
CA ARG C 145 17.03 8.48 12.95
C ARG C 145 15.63 9.03 12.75
N SER C 146 15.54 10.34 12.62
CA SER C 146 14.34 11.04 12.23
C SER C 146 14.78 12.25 11.37
N SER C 147 13.84 12.89 10.70
CA SER C 147 14.22 13.98 9.81
C SER C 147 13.12 15.02 9.76
N GLU C 148 13.51 16.29 9.85
CA GLU C 148 12.49 17.35 9.71
C GLU C 148 12.32 17.61 8.21
N ALA C 149 11.14 17.97 7.78
CA ALA C 149 10.84 18.24 6.38
C ALA C 149 11.68 19.35 5.78
N GLY C 150 12.10 20.35 6.54
CA GLY C 150 12.96 21.41 6.00
C GLY C 150 13.95 21.85 7.09
N GLY C 151 14.35 23.11 7.13
CA GLY C 151 15.13 23.64 8.24
C GLY C 151 16.56 23.96 7.92
N SER C 152 17.09 23.44 6.82
CA SER C 152 18.49 23.62 6.47
C SER C 152 18.64 24.47 5.21
N SER C 153 19.63 25.34 5.20
CA SER C 153 19.98 26.09 3.99
C SER C 153 21.35 25.66 3.49
N SER C 154 21.53 25.61 2.18
CA SER C 154 22.81 25.30 1.58
C SER C 154 23.75 26.51 1.52
N PHE C 155 23.23 27.70 1.78
CA PHE C 155 24.06 28.90 1.76
C PHE C 155 23.73 29.80 2.94
N ALA C 156 24.65 30.71 3.27
CA ALA C 156 24.39 31.67 4.34
C ALA C 156 23.21 32.55 3.94
N SER C 157 22.26 32.72 4.86
CA SER C 157 21.06 33.49 4.59
C SER C 157 20.39 33.96 5.86
N ASN C 158 19.74 35.12 5.79
CA ASN C 158 18.99 35.66 6.91
C ASN C 158 17.50 35.47 6.62
N ASN C 159 17.21 34.98 5.42
CA ASN C 159 15.83 34.73 5.03
C ASN C 159 15.43 33.30 5.39
N ILE C 160 14.43 33.16 6.25
CA ILE C 160 13.94 31.87 6.70
C ILE C 160 13.32 31.04 5.59
N TYR C 161 12.93 31.65 4.48
CA TYR C 161 12.41 30.94 3.33
C TYR C 161 13.44 30.14 2.57
N ASP C 162 14.71 30.32 2.85
CA ASP C 162 15.79 29.55 2.23
C ASP C 162 16.05 28.21 2.93
N TYR C 163 15.52 28.02 4.12
CA TYR C 163 15.81 26.86 4.96
C TYR C 163 14.85 25.72 4.71
N THR C 164 14.91 25.15 3.51
CA THR C 164 13.91 24.22 3.04
C THR C 164 14.44 22.82 2.82
N ASN C 165 15.74 22.62 3.02
CA ASN C 165 16.35 21.31 2.86
C ASN C 165 16.16 20.47 4.13
N GLU C 166 15.73 19.23 3.96
CA GLU C 166 15.44 18.30 5.03
C GLU C 166 16.60 18.25 6.00
N THR C 167 16.31 18.17 7.32
CA THR C 167 17.46 18.01 8.22
C THR C 167 17.31 16.77 9.10
N ALA C 168 18.24 15.84 8.86
CA ALA C 168 18.37 14.63 9.62
C ALA C 168 18.61 14.96 11.10
N ASN C 169 17.93 14.24 11.98
CA ASN C 169 18.21 14.34 13.40
C ASN C 169 18.58 12.96 13.94
N ASP C 170 19.68 12.90 14.69
CA ASP C 170 20.10 11.63 15.28
C ASP C 170 19.74 11.61 16.76
N VAL C 171 19.39 10.46 17.29
CA VAL C 171 19.18 10.27 18.72
C VAL C 171 20.04 9.10 19.21
N PHE C 172 20.79 9.32 20.27
CA PHE C 172 21.61 8.30 20.89
C PHE C 172 21.00 7.98 22.26
N ASP C 173 20.68 6.70 22.46
CA ASP C 173 19.83 6.30 23.58
C ASP C 173 20.51 5.25 24.43
N VAL C 174 20.49 5.46 25.73
CA VAL C 174 21.10 4.53 26.70
C VAL C 174 20.07 4.30 27.81
N ARG C 175 19.74 3.03 28.05
CA ARG C 175 18.75 2.73 29.07
C ARG C 175 19.31 1.66 30.02
N LEU C 176 18.94 1.79 31.28
CA LEU C 176 19.33 0.83 32.31
C LEU C 176 18.07 0.42 33.07
N ALA C 177 17.65 -0.82 32.83
CA ALA C 177 16.34 -1.27 33.32
C ALA C 177 16.42 -2.46 34.26
N GLN C 178 15.28 -2.76 34.88
CA GLN C 178 15.11 -3.97 35.67
C GLN C 178 15.94 -3.94 36.94
N MET C 179 16.21 -2.75 37.48
CA MET C 179 16.87 -2.63 38.76
C MET C 179 15.85 -2.84 39.89
N GLU C 180 16.02 -3.94 40.63
CA GLU C 180 15.11 -4.21 41.76
C GLU C 180 15.50 -3.31 42.93
N ILE C 181 14.62 -2.38 43.23
CA ILE C 181 14.90 -1.28 44.16
C ILE C 181 14.03 -1.39 45.39
N ASN C 182 13.03 -2.26 45.32
CA ASN C 182 12.05 -2.46 46.37
C ASN C 182 11.12 -3.61 45.98
N PRO C 183 10.54 -4.27 46.98
CA PRO C 183 9.75 -5.46 46.75
C PRO C 183 8.62 -5.23 45.77
N GLY C 184 8.65 -5.94 44.64
CA GLY C 184 7.67 -5.81 43.58
C GLY C 184 7.85 -4.53 42.76
N GLY C 185 9.01 -3.91 42.86
CA GLY C 185 9.23 -2.60 42.25
C GLY C 185 10.49 -2.57 41.41
N THR C 186 10.37 -2.16 40.15
CA THR C 186 11.55 -2.00 39.30
C THR C 186 11.72 -0.54 38.88
N LEU C 187 12.97 -0.18 38.63
CA LEU C 187 13.32 1.14 38.20
C LEU C 187 14.05 1.06 36.85
N GLU C 188 13.66 1.95 35.94
CA GLU C 188 14.33 2.08 34.65
C GLU C 188 14.81 3.52 34.51
N LEU C 189 16.03 3.70 34.06
CA LEU C 189 16.58 5.04 33.82
C LEU C 189 16.99 5.14 32.34
N GLY C 190 16.73 6.28 31.71
CA GLY C 190 17.23 6.45 30.37
C GLY C 190 17.68 7.88 30.10
N VAL C 191 18.65 7.98 29.19
CA VAL C 191 19.18 9.21 28.69
C VAL C 191 19.11 9.20 27.14
N ASP C 192 18.58 10.26 26.57
CA ASP C 192 18.63 10.45 25.13
C ASP C 192 19.35 11.77 24.81
N TYR C 193 20.30 11.68 23.91
CA TYR C 193 20.91 12.87 23.34
C TYR C 193 20.52 12.94 21.86
N GLY C 194 19.87 14.02 21.46
CA GLY C 194 19.51 14.18 20.04
C GLY C 194 20.07 15.47 19.48
N ARG C 195 20.38 15.47 18.19
CA ARG C 195 20.95 16.62 17.51
C ARG C 195 20.65 16.62 16.01
N ALA C 196 20.45 17.81 15.47
CA ALA C 196 20.38 17.97 14.02
C ALA C 196 21.76 17.65 13.46
N ASN C 197 21.80 16.92 12.35
CA ASN C 197 23.04 16.45 11.77
C ASN C 197 23.12 16.97 10.34
N LEU C 198 23.79 18.11 10.20
CA LEU C 198 23.83 18.89 8.98
C LEU C 198 24.73 18.33 7.91
N ARG C 199 24.28 18.43 6.67
CA ARG C 199 25.20 18.09 5.57
C ARG C 199 26.33 19.14 5.58
N ASP C 200 27.47 18.77 5.02
CA ASP C 200 28.59 19.67 4.81
C ASP C 200 28.18 20.99 4.20
N ASN C 201 28.53 22.09 4.86
CA ASN C 201 28.24 23.44 4.41
C ASN C 201 26.77 23.83 4.51
N TYR C 202 25.92 23.05 5.17
CA TYR C 202 24.52 23.50 5.32
C TYR C 202 24.42 24.21 6.65
N ARG C 203 23.36 24.97 6.86
CA ARG C 203 23.24 25.70 8.13
C ARG C 203 21.81 25.63 8.65
N LEU C 204 21.69 25.84 9.95
CA LEU C 204 20.42 26.10 10.61
C LEU C 204 20.25 27.61 10.78
N VAL C 205 19.01 28.02 10.93
CA VAL C 205 18.68 29.43 11.16
C VAL C 205 19.35 29.91 12.43
N ASP C 206 19.72 31.19 12.50
CA ASP C 206 20.34 31.74 13.70
C ASP C 206 19.48 31.48 14.93
N GLY C 207 20.06 30.98 16.01
CA GLY C 207 19.28 30.71 17.22
C GLY C 207 18.66 29.32 17.28
N ALA C 208 18.75 28.51 16.23
CA ALA C 208 18.17 27.17 16.28
C ALA C 208 18.66 26.40 17.50
N SER C 209 17.77 25.65 18.12
CA SER C 209 18.11 24.79 19.24
C SER C 209 19.25 23.86 18.87
N LYS C 210 19.17 23.21 17.72
CA LYS C 210 20.20 22.29 17.25
C LYS C 210 20.21 20.94 17.94
N ASP C 211 20.30 20.91 19.26
CA ASP C 211 20.43 19.63 19.97
C ASP C 211 19.74 19.74 21.32
N GLY C 212 19.78 18.65 22.08
CA GLY C 212 19.01 18.65 23.33
C GLY C 212 19.08 17.26 23.97
N TRP C 213 18.52 17.16 25.17
CA TRP C 213 18.54 15.95 25.97
C TRP C 213 17.13 15.59 26.44
N LEU C 214 16.94 14.31 26.71
CA LEU C 214 15.73 13.85 27.39
C LEU C 214 16.17 12.82 28.45
N PHE C 215 15.71 13.03 29.65
CA PHE C 215 16.10 12.17 30.78
C PHE C 215 14.82 11.53 31.29
N THR C 216 14.85 10.22 31.47
CA THR C 216 13.64 9.51 31.85
C THR C 216 13.89 8.66 33.09
N ALA C 217 12.92 8.62 33.98
CA ALA C 217 12.95 7.72 35.14
C ALA C 217 11.57 7.09 35.29
N GLU C 218 11.52 5.77 35.26
CA GLU C 218 10.24 5.08 35.34
C GLU C 218 10.32 4.01 36.43
N HIS C 219 9.39 4.13 37.38
CA HIS C 219 9.30 3.13 38.44
C HIS C 219 8.06 2.28 38.19
N THR C 220 8.23 0.97 38.17
CA THR C 220 7.09 0.06 37.97
C THR C 220 6.85 -0.76 39.23
N GLN C 221 5.64 -0.70 39.75
CA GLN C 221 5.26 -1.38 40.96
C GLN C 221 4.14 -2.40 40.72
N SER C 222 4.43 -3.65 41.06
CA SER C 222 3.39 -4.69 41.04
C SER C 222 2.43 -4.47 42.22
N VAL C 223 1.17 -4.20 41.93
CA VAL C 223 0.13 -3.89 42.87
C VAL C 223 -1.21 -4.50 42.42
N LEU C 224 -2.00 -4.96 43.36
CA LEU C 224 -3.37 -5.42 43.15
C LEU C 224 -3.61 -6.15 41.85
N LYS C 225 -2.79 -7.15 41.54
CA LYS C 225 -2.90 -7.95 40.35
C LYS C 225 -2.59 -7.22 39.05
N GLY C 226 -2.07 -6.00 39.14
CA GLY C 226 -1.77 -5.20 37.98
C GLY C 226 -0.46 -4.45 38.21
N PHE C 227 -0.47 -3.16 37.87
CA PHE C 227 0.76 -2.39 38.05
C PHE C 227 0.46 -0.91 38.14
N ASN C 228 1.46 -0.20 38.62
CA ASN C 228 1.47 1.24 38.66
C ASN C 228 2.81 1.68 38.07
N LYS C 229 2.77 2.64 37.17
CA LYS C 229 4.01 3.21 36.65
C LYS C 229 4.04 4.69 37.04
N PHE C 230 5.16 5.09 37.59
CA PHE C 230 5.37 6.48 37.98
C PHE C 230 6.56 7.01 37.17
N VAL C 231 6.33 8.06 36.40
CA VAL C 231 7.30 8.49 35.41
C VAL C 231 7.62 9.97 35.59
N VAL C 232 8.90 10.29 35.50
CA VAL C 232 9.37 11.64 35.53
C VAL C 232 10.32 11.81 34.33
N GLN C 233 10.03 12.80 33.49
CA GLN C 233 10.91 13.07 32.36
C GLN C 233 11.23 14.57 32.32
N TYR C 234 12.43 14.87 31.89
CA TYR C 234 12.86 16.24 31.69
C TYR C 234 13.58 16.34 30.34
N ALA C 235 13.12 17.27 29.53
CA ALA C 235 13.70 17.43 28.20
C ALA C 235 14.15 18.90 28.05
N THR C 236 15.05 19.06 27.13
CA THR C 236 15.74 20.32 26.85
C THR C 236 15.73 20.62 25.37
N ASP C 237 15.56 21.85 24.99
CA ASP C 237 15.62 22.35 23.63
C ASP C 237 15.06 21.50 22.54
N SER C 238 15.89 20.91 21.68
CA SER C 238 15.44 20.22 20.49
C SER C 238 14.56 19.01 20.76
N MET C 239 14.55 18.52 22.00
CA MET C 239 13.78 17.36 22.42
C MET C 239 12.42 17.68 22.99
N THR C 240 12.05 18.97 23.04
CA THR C 240 10.80 19.37 23.66
C THR C 240 9.61 19.37 22.72
N SER C 241 9.82 19.59 21.42
CA SER C 241 8.64 19.74 20.54
C SER C 241 8.00 18.39 20.28
N GLN C 242 8.77 17.37 19.89
CA GLN C 242 8.18 16.05 19.75
C GLN C 242 7.90 15.46 21.13
N GLY C 243 8.86 15.56 22.05
CA GLY C 243 8.68 15.23 23.44
C GLY C 243 8.68 13.79 23.85
N LYS C 244 9.12 12.87 22.97
CA LYS C 244 9.08 11.44 23.25
C LYS C 244 10.44 10.81 23.02
N GLY C 245 11.44 11.62 22.67
CA GLY C 245 12.79 11.09 22.49
C GLY C 245 13.35 11.38 21.11
N LEU C 246 12.57 12.00 20.22
CA LEU C 246 13.13 12.39 18.91
C LEU C 246 13.48 13.87 18.92
N SER C 247 14.56 14.22 18.23
CA SER C 247 15.03 15.60 18.21
C SER C 247 14.49 16.33 16.99
N GLN C 248 14.24 17.62 17.14
CA GLN C 248 13.85 18.50 16.05
C GLN C 248 14.66 19.80 16.19
N GLY C 249 15.93 19.73 15.84
CA GLY C 249 16.88 20.78 16.01
C GLY C 249 16.73 22.01 15.15
N SER C 250 16.09 21.92 13.99
CA SER C 250 16.07 23.00 13.04
C SER C 250 15.18 24.16 13.49
N GLY C 251 14.07 23.85 14.16
CA GLY C 251 13.15 24.87 14.63
C GLY C 251 12.34 25.52 13.52
N VAL C 252 12.26 24.90 12.36
CA VAL C 252 11.54 25.43 11.21
C VAL C 252 10.34 24.57 10.85
N ALA C 253 9.23 25.20 10.56
CA ALA C 253 8.01 24.53 10.12
C ALA C 253 7.47 25.20 8.86
N PHE C 254 6.57 24.51 8.18
CA PHE C 254 6.02 25.01 6.92
C PHE C 254 4.51 25.09 6.97
N ASP C 255 3.92 26.14 6.40
CA ASP C 255 2.46 26.20 6.33
C ASP C 255 2.00 25.37 5.14
N ASN C 256 0.73 25.47 4.76
CA ASN C 256 0.22 24.70 3.63
C ASN C 256 0.73 25.19 2.29
N GLU C 257 1.13 26.45 2.19
CA GLU C 257 1.68 27.00 0.96
C GLU C 257 3.19 26.88 0.89
N LYS C 258 3.79 26.13 1.81
CA LYS C 258 5.20 25.87 1.86
C LYS C 258 6.04 27.07 2.29
N PHE C 259 5.45 28.04 2.96
CA PHE C 259 6.21 29.13 3.56
C PHE C 259 6.77 28.65 4.90
N ALA C 260 8.06 28.85 5.10
CA ALA C 260 8.73 28.51 6.34
C ALA C 260 8.43 29.54 7.43
N TYR C 261 8.29 29.07 8.66
CA TYR C 261 8.15 29.91 9.83
C TYR C 261 8.89 29.29 11.02
N ASN C 262 9.27 30.14 11.96
CA ASN C 262 10.14 29.79 13.07
C ASN C 262 9.36 29.23 14.25
N ILE C 263 9.70 28.02 14.66
CA ILE C 263 9.09 27.41 15.85
C ILE C 263 10.19 27.02 16.83
N ASN C 264 11.14 27.93 17.06
CA ASN C 264 12.26 27.64 17.94
C ASN C 264 11.79 26.92 19.19
N ASN C 265 12.47 25.84 19.53
CA ASN C 265 12.04 25.03 20.67
C ASN C 265 13.05 25.09 21.80
N ASN C 266 13.83 26.16 21.86
CA ASN C 266 14.72 26.41 23.00
C ASN C 266 13.88 26.55 24.28
N GLY C 267 14.32 25.90 25.35
CA GLY C 267 13.43 25.88 26.54
C GLY C 267 13.52 24.49 27.18
N HIS C 268 12.49 24.10 27.92
CA HIS C 268 12.57 22.78 28.55
C HIS C 268 11.16 22.22 28.70
N MET C 269 11.06 20.92 28.94
CA MET C 269 9.79 20.29 29.23
C MET C 269 9.95 19.44 30.50
N LEU C 270 8.99 19.55 31.39
CA LEU C 270 8.96 18.67 32.56
C LEU C 270 7.69 17.83 32.47
N ARG C 271 7.82 16.51 32.53
CA ARG C 271 6.62 15.66 32.47
C ARG C 271 6.60 14.77 33.71
N ILE C 272 5.49 14.84 34.44
CA ILE C 272 5.35 13.97 35.62
C ILE C 272 4.07 13.16 35.39
N LEU C 273 4.21 11.86 35.38
CA LEU C 273 3.15 10.97 34.92
C LEU C 273 3.02 9.77 35.87
N ASP C 274 1.79 9.40 36.15
CA ASP C 274 1.51 8.18 36.87
C ASP C 274 0.31 7.50 36.23
N HIS C 275 0.47 6.22 35.92
CA HIS C 275 -0.61 5.47 35.28
C HIS C 275 -0.50 4.00 35.66
N GLY C 276 -1.61 3.27 35.53
CA GLY C 276 -1.52 1.84 35.84
C GLY C 276 -2.86 1.19 35.53
N ALA C 277 -2.98 -0.04 35.97
CA ALA C 277 -4.19 -0.84 35.75
C ALA C 277 -4.26 -1.86 36.88
N ILE C 278 -5.36 -1.82 37.63
CA ILE C 278 -5.45 -2.64 38.84
C ILE C 278 -6.75 -3.42 38.86
N SER C 279 -6.76 -4.49 39.64
CA SER C 279 -7.97 -5.30 39.83
C SER C 279 -8.47 -5.17 41.28
N MET C 280 -9.78 -5.11 41.45
CA MET C 280 -10.38 -4.97 42.77
C MET C 280 -11.38 -6.10 42.95
N GLY C 281 -10.90 -7.27 43.35
CA GLY C 281 -11.78 -8.44 43.47
C GLY C 281 -11.73 -9.25 42.18
N ASP C 282 -12.87 -9.80 41.78
CA ASP C 282 -12.98 -10.60 40.57
C ASP C 282 -13.90 -9.91 39.56
N ASN C 283 -14.55 -8.82 39.98
CA ASN C 283 -15.53 -8.17 39.13
C ASN C 283 -15.09 -6.83 38.58
N TRP C 284 -14.06 -6.23 39.15
CA TRP C 284 -13.68 -4.87 38.80
C TRP C 284 -12.21 -4.79 38.35
N ASP C 285 -12.02 -4.13 37.22
CA ASP C 285 -10.69 -3.74 36.78
C ASP C 285 -10.76 -2.22 36.53
N MET C 286 -9.63 -1.55 36.62
CA MET C 286 -9.61 -0.12 36.35
C MET C 286 -8.26 0.30 35.77
N MET C 287 -8.34 1.16 34.76
CA MET C 287 -7.12 1.83 34.25
C MET C 287 -7.21 3.26 34.77
N TYR C 288 -6.08 3.92 34.94
CA TYR C 288 -6.14 5.32 35.38
C TYR C 288 -4.88 6.02 34.91
N VAL C 289 -4.97 7.33 34.72
CA VAL C 289 -3.85 8.17 34.42
C VAL C 289 -3.99 9.49 35.25
N GLY C 290 -2.83 10.05 35.51
CA GLY C 290 -2.69 11.44 35.93
C GLY C 290 -1.35 11.96 35.37
N MET C 291 -1.38 13.12 34.74
CA MET C 291 -0.14 13.65 34.18
C MET C 291 -0.14 15.18 34.29
N TYR C 292 1.04 15.70 34.54
CA TYR C 292 1.30 17.13 34.46
C TYR C 292 2.44 17.33 33.47
N GLN C 293 2.22 18.09 32.42
CA GLN C 293 3.29 18.31 31.43
C GLN C 293 3.44 19.81 31.18
N ASP C 294 4.62 20.32 31.45
CA ASP C 294 4.90 21.75 31.26
C ASP C 294 5.94 21.93 30.16
N ILE C 295 5.54 22.56 29.06
CA ILE C 295 6.50 22.87 28.00
C ILE C 295 6.74 24.38 28.01
N ASN C 296 7.93 24.75 28.45
CA ASN C 296 8.33 26.13 28.65
C ASN C 296 9.34 26.55 27.60
N TRP C 297 8.88 27.36 26.65
CA TRP C 297 9.77 27.76 25.55
C TRP C 297 10.24 29.20 25.74
N ASP C 298 11.43 29.51 25.23
CA ASP C 298 11.94 30.87 25.26
C ASP C 298 11.06 31.85 24.50
N ASN C 299 10.37 31.42 23.45
CA ASN C 299 9.49 32.27 22.69
C ASN C 299 8.14 32.45 23.34
N ASP C 300 7.88 31.81 24.48
CA ASP C 300 6.59 31.96 25.14
C ASP C 300 5.40 31.24 24.56
N ASN C 301 5.57 30.39 23.56
CA ASN C 301 4.39 29.76 22.93
C ASN C 301 4.13 28.35 23.42
N GLY C 302 4.70 28.00 24.58
CA GLY C 302 4.58 26.66 25.13
C GLY C 302 3.23 26.43 25.76
N THR C 303 3.11 25.38 26.57
CA THR C 303 1.82 25.00 27.14
C THR C 303 2.05 24.32 28.49
N LYS C 304 1.02 24.35 29.31
CA LYS C 304 1.05 23.69 30.62
C LYS C 304 -0.21 22.83 30.71
N TRP C 305 -0.04 21.53 30.70
CA TRP C 305 -1.16 20.61 30.50
C TRP C 305 -1.29 19.64 31.66
N TRP C 306 -2.49 19.60 32.22
CA TRP C 306 -2.87 18.65 33.26
C TRP C 306 -3.92 17.70 32.64
N THR C 307 -3.79 16.41 32.85
CA THR C 307 -4.79 15.44 32.52
C THR C 307 -4.98 14.48 33.72
N VAL C 308 -6.18 13.93 33.78
CA VAL C 308 -6.52 12.86 34.69
C VAL C 308 -7.75 12.12 34.14
N GLY C 309 -7.72 10.80 34.27
CA GLY C 309 -8.93 10.04 33.88
C GLY C 309 -8.86 8.65 34.49
N ILE C 310 -10.00 7.99 34.48
CA ILE C 310 -10.12 6.65 35.01
C ILE C 310 -11.02 5.86 34.05
N ARG C 311 -10.79 4.57 34.04
CA ARG C 311 -11.57 3.66 33.20
C ARG C 311 -11.88 2.37 33.95
N PRO C 312 -12.90 2.42 34.78
CA PRO C 312 -13.35 1.24 35.53
C PRO C 312 -14.06 0.27 34.60
N MET C 313 -13.91 -1.01 34.86
CA MET C 313 -14.59 -2.07 34.11
C MET C 313 -15.30 -3.04 35.07
N TYR C 314 -16.61 -3.22 34.86
CA TYR C 314 -17.37 -4.16 35.66
C TYR C 314 -17.68 -5.42 34.85
N LYS C 315 -17.18 -6.55 35.31
CA LYS C 315 -17.34 -7.83 34.63
C LYS C 315 -18.59 -8.57 35.07
N TRP C 316 -19.64 -8.54 34.28
CA TRP C 316 -20.88 -9.25 34.56
C TRP C 316 -20.65 -10.76 34.39
N THR C 317 -19.81 -11.03 33.42
CA THR C 317 -19.54 -12.39 32.90
C THR C 317 -18.10 -12.42 32.50
N PRO C 318 -17.52 -13.59 32.28
CA PRO C 318 -16.14 -13.70 31.85
C PRO C 318 -15.89 -12.99 30.52
N ILE C 319 -16.85 -12.90 29.63
CA ILE C 319 -16.67 -12.23 28.35
C ILE C 319 -17.49 -10.97 28.16
N MET C 320 -18.40 -10.63 29.08
CA MET C 320 -19.24 -9.46 28.92
C MET C 320 -19.03 -8.46 30.05
N SER C 321 -18.85 -7.18 29.67
CA SER C 321 -18.58 -6.20 30.72
C SER C 321 -19.18 -4.85 30.39
N THR C 322 -19.24 -4.01 31.42
CA THR C 322 -19.67 -2.64 31.27
C THR C 322 -18.45 -1.76 31.57
N VAL C 323 -18.08 -0.97 30.56
CA VAL C 323 -16.88 -0.14 30.71
C VAL C 323 -17.28 1.34 30.68
N MET C 324 -16.64 2.10 31.55
CA MET C 324 -16.89 3.54 31.58
C MET C 324 -15.54 4.24 31.52
N GLU C 325 -15.49 5.39 30.87
CA GLU C 325 -14.26 6.18 30.90
C GLU C 325 -14.60 7.64 31.17
N ILE C 326 -13.91 8.22 32.12
CA ILE C 326 -14.08 9.63 32.44
C ILE C 326 -12.71 10.29 32.32
N GLY C 327 -12.62 11.35 31.54
CA GLY C 327 -11.32 11.99 31.35
C GLY C 327 -11.45 13.50 31.35
N TYR C 328 -10.43 14.15 31.93
CA TYR C 328 -10.43 15.59 32.03
C TYR C 328 -9.11 16.15 31.52
N ASP C 329 -9.19 17.18 30.68
CA ASP C 329 -8.00 17.90 30.24
C ASP C 329 -8.10 19.37 30.64
N ASN C 330 -6.97 19.96 30.97
CA ASN C 330 -6.84 21.39 31.21
C ASN C 330 -5.54 21.89 30.62
N VAL C 331 -5.61 22.78 29.63
CA VAL C 331 -4.39 23.28 29.00
C VAL C 331 -4.32 24.80 29.11
N GLU C 332 -3.18 25.28 29.59
CA GLU C 332 -2.95 26.71 29.71
C GLU C 332 -1.91 27.15 28.68
N SER C 333 -2.24 28.18 27.91
CA SER C 333 -1.27 28.72 26.98
C SER C 333 -0.19 29.49 27.74
N GLN C 334 1.08 29.27 27.44
CA GLN C 334 2.15 30.02 28.08
C GLN C 334 2.06 31.49 27.62
N ARG C 335 1.65 31.70 26.37
CA ARG C 335 1.66 33.00 25.77
C ARG C 335 0.62 33.97 26.32
N THR C 336 -0.61 33.52 26.48
CA THR C 336 -1.70 34.37 26.87
C THR C 336 -2.17 34.14 28.31
N GLY C 337 -1.85 32.98 28.89
CA GLY C 337 -2.37 32.61 30.19
C GLY C 337 -3.80 32.11 30.18
N ASP C 338 -4.46 32.05 29.03
CA ASP C 338 -5.80 31.47 28.97
C ASP C 338 -5.77 29.97 29.19
N LYS C 339 -6.95 29.40 29.44
CA LYS C 339 -7.08 27.99 29.75
C LYS C 339 -8.15 27.34 28.87
N ASN C 340 -7.85 26.13 28.42
CA ASN C 340 -8.78 25.32 27.65
C ASN C 340 -9.08 24.08 28.48
N ASN C 341 -10.35 23.73 28.62
CA ASN C 341 -10.61 22.51 29.38
C ASN C 341 -11.72 21.70 28.72
N GLN C 342 -11.73 20.42 29.07
CA GLN C 342 -12.73 19.51 28.57
C GLN C 342 -12.88 18.33 29.53
N TYR C 343 -14.11 17.86 29.67
CA TYR C 343 -14.32 16.59 30.37
C TYR C 343 -15.13 15.69 29.43
N LYS C 344 -14.72 14.44 29.38
CA LYS C 344 -15.36 13.49 28.48
C LYS C 344 -15.82 12.29 29.28
N ILE C 345 -17.05 11.87 29.04
CA ILE C 345 -17.63 10.72 29.74
C ILE C 345 -18.14 9.70 28.71
N THR C 346 -17.70 8.47 28.86
CA THR C 346 -18.10 7.41 27.95
C THR C 346 -18.63 6.22 28.75
N LEU C 347 -19.70 5.66 28.23
CA LEU C 347 -20.31 4.44 28.76
C LEU C 347 -20.32 3.39 27.63
N ALA C 348 -19.80 2.21 27.91
CA ALA C 348 -19.80 1.18 26.88
C ALA C 348 -20.19 -0.20 27.43
N GLN C 349 -20.97 -0.91 26.62
CA GLN C 349 -21.17 -2.34 26.85
C GLN C 349 -20.20 -3.10 25.94
N GLN C 350 -19.50 -4.08 26.52
CA GLN C 350 -18.44 -4.72 25.77
C GLN C 350 -18.40 -6.23 25.87
N TRP C 351 -18.06 -6.87 24.75
CA TRP C 351 -17.80 -8.30 24.71
C TRP C 351 -16.32 -8.48 24.36
N GLN C 352 -15.57 -9.19 25.20
CA GLN C 352 -14.14 -9.30 24.96
C GLN C 352 -13.63 -10.71 25.17
N ALA C 353 -12.47 -11.01 24.58
CA ALA C 353 -11.90 -12.35 24.64
C ALA C 353 -11.07 -12.59 25.89
N GLY C 354 -11.71 -12.76 27.04
CA GLY C 354 -10.92 -12.90 28.29
C GLY C 354 -11.56 -11.98 29.34
N ASP C 355 -11.12 -12.06 30.59
CA ASP C 355 -11.83 -11.33 31.64
C ASP C 355 -10.99 -10.19 32.19
N SER C 356 -10.06 -9.69 31.38
CA SER C 356 -9.21 -8.59 31.82
C SER C 356 -9.56 -7.33 31.05
N ILE C 357 -9.13 -6.19 31.59
CA ILE C 357 -9.36 -4.91 30.93
C ILE C 357 -8.35 -4.76 29.79
N TRP C 358 -7.31 -5.59 29.80
CA TRP C 358 -6.35 -5.75 28.75
C TRP C 358 -6.77 -6.77 27.70
N SER C 359 -7.83 -7.54 27.90
CA SER C 359 -8.21 -8.58 26.96
C SER C 359 -8.67 -8.03 25.62
N ARG C 360 -8.15 -8.58 24.53
CA ARG C 360 -8.55 -8.18 23.17
C ARG C 360 -8.64 -9.44 22.32
N PRO C 361 -9.51 -9.48 21.33
CA PRO C 361 -10.33 -8.40 20.91
C PRO C 361 -11.49 -8.05 21.81
N ALA C 362 -12.01 -6.85 21.57
CA ALA C 362 -13.17 -6.31 22.24
C ALA C 362 -14.12 -5.71 21.21
N ILE C 363 -15.40 -6.02 21.37
CA ILE C 363 -16.47 -5.39 20.60
C ILE C 363 -17.27 -4.49 21.55
N ARG C 364 -17.31 -3.20 21.25
CA ARG C 364 -17.95 -2.23 22.11
C ARG C 364 -19.16 -1.57 21.46
N VAL C 365 -20.15 -1.29 22.29
CA VAL C 365 -21.27 -0.41 21.92
C VAL C 365 -21.26 0.72 22.94
N PHE C 366 -21.17 1.97 22.48
CA PHE C 366 -20.89 3.06 23.41
C PHE C 366 -21.74 4.29 23.17
N ALA C 367 -21.69 5.17 24.15
CA ALA C 367 -22.24 6.52 24.07
C ALA C 367 -21.21 7.42 24.77
N THR C 368 -20.92 8.53 24.14
CA THR C 368 -19.91 9.45 24.64
C THR C 368 -20.50 10.85 24.78
N TYR C 369 -20.16 11.49 25.88
CA TYR C 369 -20.55 12.90 26.07
C TYR C 369 -19.31 13.71 26.38
N ALA C 370 -19.15 14.83 25.69
CA ALA C 370 -18.00 15.71 25.98
C ALA C 370 -18.51 17.14 26.17
N LYS C 371 -17.89 17.87 27.07
CA LYS C 371 -18.21 19.27 27.29
C LYS C 371 -16.92 20.05 27.41
N TRP C 372 -16.79 21.09 26.58
CA TRP C 372 -15.49 21.79 26.58
C TRP C 372 -15.72 23.29 26.67
N ASP C 373 -14.67 23.97 27.04
CA ASP C 373 -14.70 25.43 27.21
C ASP C 373 -13.29 25.94 26.88
N GLU C 374 -13.13 26.46 25.67
CA GLU C 374 -11.81 26.87 25.22
C GLU C 374 -11.73 28.38 25.09
N LYS C 375 -10.75 28.96 25.79
CA LYS C 375 -10.55 30.40 25.81
C LYS C 375 -9.37 30.82 24.98
N TRP C 376 -8.72 29.83 24.32
CA TRP C 376 -7.65 30.17 23.39
C TRP C 376 -7.53 29.10 22.31
N GLY C 377 -6.77 29.43 21.28
CA GLY C 377 -6.47 28.54 20.18
C GLY C 377 -5.28 29.08 19.40
N TYR C 378 -4.81 28.28 18.46
CA TYR C 378 -3.65 28.62 17.65
C TYR C 378 -4.13 29.36 16.41
N ASP C 379 -3.42 30.42 16.05
CA ASP C 379 -3.81 31.19 14.87
C ASP C 379 -3.17 30.56 13.64
N TYR C 380 -3.99 29.89 12.84
CA TYR C 380 -3.53 29.29 11.59
C TYR C 380 -4.24 29.91 10.40
N THR C 381 -4.73 31.14 10.56
CA THR C 381 -5.34 31.88 9.46
C THR C 381 -4.28 32.48 8.53
N GLY C 382 -4.68 32.80 7.31
CA GLY C 382 -3.76 33.30 6.30
C GLY C 382 -2.70 32.23 6.04
N ASN C 383 -1.47 32.67 5.90
CA ASN C 383 -0.31 31.80 5.77
C ASN C 383 0.84 32.47 6.53
N ALA C 384 1.96 31.79 6.70
CA ALA C 384 3.10 32.32 7.43
C ALA C 384 3.69 33.57 6.81
N ASP C 385 3.53 33.80 5.51
CA ASP C 385 3.99 35.01 4.86
C ASP C 385 3.12 36.23 5.14
N ASN C 386 1.80 36.08 5.16
CA ASN C 386 0.87 37.17 5.43
C ASN C 386 0.75 37.48 6.93
N ASN C 387 0.87 36.43 7.74
CA ASN C 387 0.47 36.50 9.13
C ASN C 387 1.64 36.33 10.07
N ALA C 388 1.96 37.40 10.79
CA ALA C 388 3.09 37.40 11.71
C ALA C 388 2.81 36.53 12.92
N ASN C 389 1.54 36.32 13.25
CA ASN C 389 1.18 35.48 14.36
C ASN C 389 0.97 34.02 13.99
N PHE C 390 1.27 33.61 12.77
CA PHE C 390 0.97 32.24 12.32
C PHE C 390 1.51 31.24 13.32
N GLY C 391 0.65 30.39 13.88
CA GLY C 391 1.09 29.37 14.81
C GLY C 391 1.15 29.82 16.26
N LYS C 392 0.84 31.07 16.59
CA LYS C 392 0.93 31.48 18.00
C LYS C 392 -0.39 31.20 18.70
N ALA C 393 -0.30 30.90 20.00
CA ALA C 393 -1.54 30.81 20.78
C ALA C 393 -2.18 32.20 20.78
N VAL C 394 -3.49 32.24 20.81
CA VAL C 394 -4.23 33.50 20.69
C VAL C 394 -5.56 33.35 21.42
N PRO C 395 -6.03 34.42 22.07
CA PRO C 395 -7.28 34.38 22.80
C PRO C 395 -8.38 33.98 21.82
N ALA C 396 -9.47 33.40 22.31
CA ALA C 396 -10.53 32.91 21.46
C ALA C 396 -11.13 33.95 20.53
N ASP C 397 -11.18 35.21 20.93
CA ASP C 397 -11.86 36.24 20.16
C ASP C 397 -10.89 37.24 19.54
N PHE C 398 -9.62 36.90 19.50
CA PHE C 398 -8.58 37.71 18.90
C PHE C 398 -9.02 38.33 17.57
N ASN C 399 -8.93 39.65 17.49
CA ASN C 399 -9.24 40.45 16.32
C ASN C 399 -10.59 40.19 15.70
N GLY C 400 -11.61 39.92 16.51
CA GLY C 400 -12.92 39.57 16.01
C GLY C 400 -13.03 38.18 15.40
N GLY C 401 -11.98 37.36 15.48
CA GLY C 401 -12.03 36.02 14.89
C GLY C 401 -12.54 35.03 15.93
N SER C 402 -12.46 33.74 15.60
CA SER C 402 -12.80 32.70 16.58
C SER C 402 -11.71 31.64 16.52
N PHE C 403 -11.06 31.43 17.65
CA PHE C 403 -9.92 30.54 17.73
C PHE C 403 -10.19 29.52 18.83
N GLY C 404 -9.83 28.26 18.60
CA GLY C 404 -10.19 27.23 19.57
C GLY C 404 -11.61 26.74 19.29
N ARG C 405 -12.10 25.81 20.09
CA ARG C 405 -13.37 25.16 19.79
C ARG C 405 -14.56 25.80 20.48
N GLY C 406 -14.35 26.91 21.19
CA GLY C 406 -15.50 27.58 21.80
C GLY C 406 -15.95 26.92 23.09
N ASP C 407 -17.22 27.12 23.40
CA ASP C 407 -17.81 26.73 24.68
C ASP C 407 -19.04 25.88 24.38
N SER C 408 -18.88 24.56 24.40
CA SER C 408 -19.99 23.77 23.88
C SER C 408 -19.96 22.33 24.34
N ASP C 409 -20.87 21.57 23.76
CA ASP C 409 -21.30 20.26 24.18
C ASP C 409 -21.42 19.35 22.97
N GLU C 410 -21.42 18.04 23.18
CA GLU C 410 -21.77 17.14 22.07
C GLU C 410 -21.80 15.71 22.60
N TRP C 411 -22.61 14.88 21.95
CA TRP C 411 -22.64 13.46 22.33
C TRP C 411 -22.54 12.60 21.09
N THR C 412 -21.91 11.44 21.24
CA THR C 412 -21.77 10.52 20.10
C THR C 412 -22.13 9.11 20.58
N PHE C 413 -22.37 8.23 19.62
CA PHE C 413 -22.65 6.84 19.94
C PHE C 413 -22.21 5.96 18.77
N GLY C 414 -22.04 4.67 19.03
CA GLY C 414 -21.74 3.75 17.93
C GLY C 414 -21.21 2.42 18.44
N ALA C 415 -20.55 1.71 17.55
CA ALA C 415 -19.97 0.40 17.82
C ALA C 415 -18.55 0.36 17.25
N GLN C 416 -17.70 -0.44 17.88
CA GLN C 416 -16.30 -0.44 17.48
C GLN C 416 -15.64 -1.75 17.93
N MET C 417 -14.66 -2.19 17.15
CA MET C 417 -13.83 -3.31 17.62
C MET C 417 -12.43 -2.75 17.87
N GLU C 418 -11.69 -3.39 18.75
CA GLU C 418 -10.26 -3.10 18.91
C GLU C 418 -9.58 -4.45 19.14
N ILE C 419 -8.42 -4.64 18.55
CA ILE C 419 -7.71 -5.90 18.75
C ILE C 419 -6.22 -5.71 18.61
N TRP C 420 -5.46 -6.45 19.42
CA TRP C 420 -4.04 -6.65 19.22
C TRP C 420 -3.83 -8.16 19.31
N TRP C 421 -2.97 -8.70 18.47
CA TRP C 421 -2.81 -10.17 18.43
C TRP C 421 -1.35 -10.41 18.05
#